data_6L4H
#
_entry.id   6L4H
#
_cell.length_a   99.759
_cell.length_b   99.759
_cell.length_c   332.710
_cell.angle_alpha   90.000
_cell.angle_beta   90.000
_cell.angle_gamma   120.000
#
_symmetry.space_group_name_H-M   'P 31 2 1'
#
_entity_poly.entity_id   1
_entity_poly.type   'polypeptide(L)'
_entity_poly.pdbx_seq_one_letter_code
;MDELQDVQLTEIKPLLNDKNGTRNFQDFDSQEHDIETTHGVVHVTIRGLPKGNRPVILTYHDIGLNHKSCFNAFFNFEDM
QEITQHFAVCHVDAPGQQEGAPSFPTGYQYPTMDELAEMLPPVLTHLSLKSIIGIGVGAGAYILSRFALNHPELVEGLVL
INVDPCAKGWIDWAASKLSGLTTNVVDIILAHHFGQEELQANLDLIQTYRMHIAQDINQDNLQLFLNSYNGRRDLEIERP
ILGQNDNKSKTLKCSTLLVVGDNSPAVEAVVECNSRLNPINTTLLKMADCGGLPQVVQPGKLTEAFKYFLQGMGYIPSAS
MTRLARSRTHSTSSSLGSGESPFSRSVTSNQSDGTQESCESPDVLDRHQTMEVSC
;
_entity_poly.pdbx_strand_id   A,B,C,D
#
# COMPACT_ATOMS: atom_id res chain seq x y z
N ASP A 29 21.18 11.04 50.93
CA ASP A 29 21.40 10.06 49.82
C ASP A 29 20.37 10.28 48.69
N SER A 30 19.10 10.53 49.03
CA SER A 30 17.97 10.71 48.07
C SER A 30 17.22 12.02 48.34
N GLN A 31 16.47 12.53 47.35
CA GLN A 31 15.69 13.80 47.42
C GLN A 31 14.56 13.78 46.37
N GLU A 32 13.30 13.87 46.81
CA GLU A 32 12.09 13.88 45.93
C GLU A 32 11.65 15.32 45.62
N HIS A 33 11.19 15.58 44.40
CA HIS A 33 10.56 16.85 43.96
C HIS A 33 9.27 16.58 43.19
N ASP A 34 8.23 17.39 43.39
CA ASP A 34 7.02 17.45 42.53
C ASP A 34 7.10 18.72 41.67
N ILE A 35 7.51 18.58 40.41
CA ILE A 35 7.87 19.72 39.51
C ILE A 35 6.62 20.11 38.70
N GLU A 36 6.32 21.41 38.63
CA GLU A 36 5.17 22.00 37.90
C GLU A 36 5.55 22.26 36.44
N THR A 37 4.78 21.73 35.48
CA THR A 37 4.93 22.00 34.02
C THR A 37 3.58 22.38 33.43
N THR A 38 3.58 22.90 32.20
CA THR A 38 2.35 23.36 31.49
C THR A 38 1.42 22.17 31.21
N HIS A 39 1.92 20.94 31.39
CA HIS A 39 1.19 19.68 31.10
C HIS A 39 0.94 18.90 32.40
N GLY A 40 1.20 19.54 33.54
CA GLY A 40 0.86 19.01 34.88
C GLY A 40 2.09 18.70 35.72
N VAL A 41 1.88 18.26 36.97
CA VAL A 41 3.00 17.91 37.90
C VAL A 41 3.61 16.58 37.46
N VAL A 42 4.94 16.50 37.52
CA VAL A 42 5.73 15.24 37.31
C VAL A 42 6.67 15.06 38.51
N HIS A 43 6.62 13.89 39.13
CA HIS A 43 7.40 13.51 40.34
C HIS A 43 8.74 12.94 39.92
N VAL A 44 9.85 13.50 40.42
CA VAL A 44 11.23 13.04 40.13
C VAL A 44 11.97 12.81 41.45
N THR A 45 12.87 11.83 41.48
CA THR A 45 13.68 11.44 42.66
C THR A 45 15.16 11.51 42.28
N ILE A 46 15.93 12.42 42.89
CA ILE A 46 17.40 12.56 42.65
C ILE A 46 18.14 11.82 43.77
N ARG A 47 18.64 10.61 43.50
CA ARG A 47 19.59 9.89 44.39
C ARG A 47 21.01 10.22 43.93
N GLY A 48 21.83 10.73 44.84
CA GLY A 48 23.18 11.26 44.54
C GLY A 48 23.15 12.75 44.26
N LEU A 49 24.29 13.43 44.41
CA LEU A 49 24.40 14.91 44.36
C LEU A 49 24.96 15.36 43.01
N PRO A 50 24.22 16.18 42.23
CA PRO A 50 24.68 16.62 40.91
C PRO A 50 25.95 17.48 41.00
N LYS A 51 26.76 17.44 39.93
CA LYS A 51 28.11 18.07 39.86
C LYS A 51 28.12 19.14 38.75
N GLY A 52 29.22 19.89 38.66
CA GLY A 52 29.32 21.13 37.87
C GLY A 52 29.12 20.88 36.37
N ASN A 53 30.02 20.10 35.77
CA ASN A 53 30.07 19.84 34.31
C ASN A 53 29.43 18.49 33.96
N ARG A 54 29.32 17.58 34.93
CA ARG A 54 28.85 16.19 34.71
C ARG A 54 27.34 16.20 34.45
N PRO A 55 26.85 15.43 33.45
CA PRO A 55 25.42 15.26 33.24
C PRO A 55 24.85 14.26 34.26
N VAL A 56 23.53 14.34 34.48
CA VAL A 56 22.77 13.41 35.37
C VAL A 56 22.27 12.24 34.53
N ILE A 57 22.30 11.03 35.09
CA ILE A 57 21.75 9.85 34.37
C ILE A 57 20.25 9.91 34.67
N LEU A 58 19.49 10.45 33.72
CA LEU A 58 18.01 10.67 33.88
C LEU A 58 17.26 9.44 33.37
N THR A 59 16.15 9.11 34.04
CA THR A 59 15.45 7.82 33.91
C THR A 59 13.96 8.05 33.66
N TYR A 60 13.42 7.43 32.61
CA TYR A 60 11.96 7.37 32.32
C TYR A 60 11.55 5.89 32.21
N HIS A 61 10.64 5.45 33.07
CA HIS A 61 10.15 4.06 33.17
C HIS A 61 9.12 3.77 32.06
N ASP A 62 8.73 2.50 31.93
CA ASP A 62 7.79 1.97 30.90
C ASP A 62 6.35 1.96 31.46
N ILE A 63 5.37 1.70 30.59
CA ILE A 63 3.93 1.52 30.96
C ILE A 63 3.82 0.39 31.98
N GLY A 64 3.08 0.65 33.08
CA GLY A 64 2.77 -0.35 34.11
C GLY A 64 3.92 -0.53 35.09
N LEU A 65 4.92 0.35 35.01
CA LEU A 65 6.02 0.44 36.00
C LEU A 65 6.09 1.88 36.52
N ASN A 66 6.74 2.07 37.66
CA ASN A 66 7.25 3.39 38.12
C ASN A 66 8.78 3.26 38.20
N HIS A 67 9.49 4.29 38.65
CA HIS A 67 10.97 4.29 38.69
C HIS A 67 11.44 3.09 39.52
N LYS A 68 10.77 2.82 40.65
CA LYS A 68 11.16 1.77 41.63
C LYS A 68 11.06 0.39 40.98
N SER A 69 9.92 0.07 40.34
CA SER A 69 9.70 -1.23 39.68
C SER A 69 10.73 -1.40 38.55
N CYS A 70 10.85 -0.40 37.67
CA CYS A 70 11.61 -0.46 36.40
C CYS A 70 13.12 -0.65 36.66
N PHE A 71 13.75 0.20 37.48
CA PHE A 71 15.25 0.22 37.57
C PHE A 71 15.79 0.05 38.97
N ASN A 72 15.00 0.05 40.05
CA ASN A 72 15.66 0.11 41.38
C ASN A 72 16.62 -1.08 41.51
N ALA A 73 16.24 -2.26 40.99
CA ALA A 73 17.07 -3.49 41.02
C ALA A 73 18.38 -3.22 40.28
N PHE A 74 18.29 -2.62 39.10
CA PHE A 74 19.44 -2.36 38.17
C PHE A 74 20.43 -1.39 38.82
N PHE A 75 19.95 -0.27 39.36
CA PHE A 75 20.82 0.81 39.91
C PHE A 75 21.39 0.43 41.28
N ASN A 76 20.78 -0.55 41.96
CA ASN A 76 21.28 -1.08 43.26
C ASN A 76 22.38 -2.13 43.01
N PHE A 77 22.57 -2.56 41.76
CA PHE A 77 23.56 -3.61 41.40
C PHE A 77 24.98 -3.14 41.74
N GLU A 78 25.80 -4.05 42.29
CA GLU A 78 27.13 -3.74 42.86
C GLU A 78 27.96 -2.94 41.85
N ASP A 79 28.10 -3.44 40.62
CA ASP A 79 28.94 -2.84 39.55
C ASP A 79 28.37 -1.47 39.14
N MET A 80 27.05 -1.37 38.94
CA MET A 80 26.35 -0.12 38.54
C MET A 80 26.57 0.96 39.60
N GLN A 81 26.63 0.57 40.88
CA GLN A 81 26.79 1.49 42.05
C GLN A 81 28.07 2.33 41.88
N GLU A 82 29.12 1.72 41.32
CA GLU A 82 30.44 2.37 41.10
C GLU A 82 30.31 3.44 40.00
N ILE A 83 29.36 3.26 39.07
CA ILE A 83 29.03 4.25 38.00
C ILE A 83 28.14 5.35 38.57
N THR A 84 27.06 4.98 39.26
CA THR A 84 26.10 5.93 39.91
C THR A 84 26.82 6.79 40.95
N GLN A 85 28.01 6.35 41.40
CA GLN A 85 28.89 7.13 42.33
C GLN A 85 29.25 8.46 41.65
N HIS A 86 29.81 8.41 40.44
CA HIS A 86 30.38 9.59 39.74
C HIS A 86 29.26 10.51 39.22
N PHE A 87 28.13 9.95 38.80
CA PHE A 87 26.96 10.71 38.27
C PHE A 87 25.84 10.76 39.31
N ALA A 88 25.08 11.85 39.29
CA ALA A 88 23.78 11.96 40.00
C ALA A 88 22.74 11.22 39.17
N VAL A 89 21.74 10.63 39.81
CA VAL A 89 20.65 9.85 39.13
C VAL A 89 19.33 10.54 39.39
N CYS A 90 18.71 11.12 38.36
CA CYS A 90 17.37 11.74 38.42
C CYS A 90 16.34 10.78 37.83
N HIS A 91 15.61 10.05 38.67
CA HIS A 91 14.50 9.15 38.25
C HIS A 91 13.25 9.97 37.98
N VAL A 92 12.74 9.96 36.74
CA VAL A 92 11.42 10.58 36.41
C VAL A 92 10.33 9.52 36.59
N ASP A 93 9.20 9.94 37.15
CA ASP A 93 7.95 9.15 37.24
C ASP A 93 6.88 9.84 36.38
N ALA A 94 6.42 9.15 35.34
CA ALA A 94 5.37 9.63 34.42
C ALA A 94 4.15 10.06 35.23
N PRO A 95 3.46 11.15 34.83
CA PRO A 95 2.31 11.65 35.59
C PRO A 95 1.33 10.57 36.06
N GLY A 96 1.05 10.52 37.37
CA GLY A 96 0.04 9.63 37.98
C GLY A 96 0.53 8.21 38.20
N GLN A 97 1.77 7.91 37.79
CA GLN A 97 2.36 6.55 37.86
C GLN A 97 3.16 6.43 39.17
N GLN A 98 3.45 7.56 39.81
CA GLN A 98 4.25 7.64 41.06
C GLN A 98 3.54 6.91 42.20
N GLU A 99 4.29 6.15 43.01
CA GLU A 99 3.66 5.35 44.09
C GLU A 99 2.81 6.27 44.98
N GLY A 100 1.58 5.83 45.26
CA GLY A 100 0.61 6.56 46.10
C GLY A 100 0.00 7.73 45.38
N ALA A 101 0.00 7.72 44.04
CA ALA A 101 -0.58 8.79 43.19
C ALA A 101 -2.09 8.78 43.34
N PRO A 102 -2.74 9.96 43.42
CA PRO A 102 -4.20 10.01 43.37
C PRO A 102 -4.70 9.85 41.93
N SER A 103 -5.91 9.34 41.75
CA SER A 103 -6.57 9.17 40.43
C SER A 103 -6.90 10.56 39.88
N PHE A 104 -6.55 10.82 38.62
CA PHE A 104 -7.00 12.01 37.85
C PHE A 104 -8.51 11.90 37.63
N PRO A 105 -9.27 13.02 37.63
CA PRO A 105 -10.71 12.96 37.38
C PRO A 105 -11.00 12.45 35.97
N THR A 106 -12.09 11.72 35.76
CA THR A 106 -12.34 10.89 34.54
C THR A 106 -12.13 11.67 33.24
N GLY A 107 -12.55 12.94 33.20
CA GLY A 107 -12.37 13.83 32.03
C GLY A 107 -10.90 14.05 31.67
N TYR A 108 -10.01 13.93 32.65
CA TYR A 108 -8.60 14.41 32.64
C TYR A 108 -7.95 14.18 31.27
N GLN A 109 -7.38 15.27 30.73
CA GLN A 109 -6.64 15.32 29.44
C GLN A 109 -5.17 14.97 29.72
N TYR A 110 -4.91 13.71 30.03
CA TYR A 110 -3.54 13.15 30.22
C TYR A 110 -2.67 13.58 29.03
N PRO A 111 -1.41 13.98 29.27
CA PRO A 111 -0.51 14.36 28.19
C PRO A 111 -0.23 13.28 27.13
N THR A 112 -0.19 13.70 25.86
CA THR A 112 0.27 12.91 24.69
C THR A 112 1.76 12.57 24.89
N MET A 113 2.25 11.50 24.28
CA MET A 113 3.68 11.09 24.36
C MET A 113 4.56 12.32 24.06
N ASP A 114 4.28 13.02 22.95
CA ASP A 114 5.03 14.25 22.56
C ASP A 114 5.01 15.24 23.71
N GLU A 115 3.86 15.40 24.39
CA GLU A 115 3.71 16.36 25.53
C GLU A 115 4.51 15.88 26.75
N LEU A 116 4.47 14.58 27.06
CA LEU A 116 5.22 13.95 28.18
C LEU A 116 6.70 14.30 28.08
N ALA A 117 7.23 14.42 26.86
CA ALA A 117 8.66 14.74 26.55
C ALA A 117 8.92 16.24 26.75
N GLU A 118 7.91 17.07 26.53
CA GLU A 118 7.97 18.56 26.70
C GLU A 118 7.99 18.93 28.19
N MET A 119 7.84 17.94 29.08
CA MET A 119 7.86 18.13 30.55
C MET A 119 9.30 18.07 31.07
N LEU A 120 10.25 17.54 30.28
CA LEU A 120 11.62 17.22 30.74
C LEU A 120 12.52 18.46 30.80
N PRO A 121 12.50 19.39 29.82
CA PRO A 121 13.25 20.65 29.94
C PRO A 121 12.91 21.42 31.22
N PRO A 122 11.60 21.58 31.57
CA PRO A 122 11.24 22.07 32.89
C PRO A 122 11.94 21.33 34.04
N VAL A 123 11.93 20.00 34.02
CA VAL A 123 12.58 19.16 35.07
C VAL A 123 14.06 19.56 35.16
N LEU A 124 14.78 19.52 34.04
CA LEU A 124 16.23 19.89 34.00
C LEU A 124 16.41 21.29 34.60
N THR A 125 15.67 22.29 34.09
CA THR A 125 15.73 23.70 34.55
C THR A 125 15.61 23.73 36.07
N HIS A 126 14.51 23.21 36.62
CA HIS A 126 14.14 23.27 38.06
C HIS A 126 15.26 22.69 38.93
N LEU A 127 15.97 21.66 38.47
CA LEU A 127 17.07 20.98 39.22
C LEU A 127 18.43 21.56 38.83
N SER A 128 18.44 22.66 38.06
CA SER A 128 19.65 23.36 37.57
C SER A 128 20.63 22.37 36.92
N LEU A 129 20.11 21.45 36.10
CA LEU A 129 20.91 20.47 35.30
C LEU A 129 21.15 21.04 33.91
N LYS A 130 22.34 20.80 33.34
CA LYS A 130 22.69 21.32 31.99
C LYS A 130 22.48 20.26 30.89
N SER A 131 22.76 18.98 31.18
CA SER A 131 22.59 17.87 30.22
C SER A 131 22.27 16.56 30.94
N ILE A 132 21.78 15.57 30.21
CA ILE A 132 21.41 14.23 30.74
C ILE A 132 21.94 13.11 29.85
N ILE A 133 22.29 12.00 30.49
CA ILE A 133 22.41 10.66 29.84
C ILE A 133 21.14 9.91 30.17
N GLY A 134 20.23 9.78 29.20
CA GLY A 134 18.92 9.14 29.39
C GLY A 134 19.03 7.63 29.42
N ILE A 135 18.23 6.97 30.26
CA ILE A 135 17.93 5.51 30.17
C ILE A 135 16.41 5.34 30.18
N GLY A 136 15.83 4.95 29.05
CA GLY A 136 14.37 4.74 28.90
C GLY A 136 14.03 3.28 28.66
N VAL A 137 12.85 2.84 29.12
CA VAL A 137 12.25 1.51 28.79
C VAL A 137 10.88 1.71 28.16
N GLY A 138 10.68 1.19 26.95
CA GLY A 138 9.45 1.33 26.16
C GLY A 138 9.00 2.77 26.05
N ALA A 139 7.83 3.09 26.61
CA ALA A 139 7.25 4.47 26.67
C ALA A 139 8.36 5.47 27.04
N GLY A 140 9.16 5.13 28.05
CA GLY A 140 10.31 5.94 28.48
C GLY A 140 11.27 6.20 27.34
N ALA A 141 11.67 5.14 26.63
CA ALA A 141 12.66 5.19 25.53
C ALA A 141 12.14 6.14 24.43
N TYR A 142 10.86 6.01 24.05
CA TYR A 142 10.20 6.87 23.05
C TYR A 142 10.25 8.32 23.55
N ILE A 143 9.78 8.56 24.77
CA ILE A 143 9.71 9.92 25.38
C ILE A 143 11.10 10.56 25.31
N LEU A 144 12.12 9.93 25.92
CA LEU A 144 13.51 10.46 25.98
C LEU A 144 14.03 10.71 24.55
N SER A 145 13.69 9.84 23.60
CA SER A 145 14.11 9.95 22.17
C SER A 145 13.48 11.19 21.54
N ARG A 146 12.17 11.36 21.70
CA ARG A 146 11.43 12.57 21.25
C ARG A 146 12.10 13.80 21.86
N PHE A 147 12.34 13.75 23.18
CA PHE A 147 13.00 14.82 23.98
C PHE A 147 14.36 15.17 23.35
N ALA A 148 15.16 14.15 23.03
CA ALA A 148 16.52 14.29 22.47
C ALA A 148 16.47 14.86 21.05
N LEU A 149 15.41 14.54 20.30
CA LEU A 149 15.19 15.12 18.94
C LEU A 149 14.81 16.60 19.11
N ASN A 150 13.92 16.89 20.05
CA ASN A 150 13.44 18.25 20.39
C ASN A 150 14.61 19.08 20.91
N HIS A 151 15.42 18.52 21.81
CA HIS A 151 16.48 19.24 22.58
C HIS A 151 17.79 18.47 22.56
N PRO A 152 18.55 18.54 21.44
CA PRO A 152 19.84 17.85 21.33
C PRO A 152 20.92 18.36 22.30
N GLU A 153 20.81 19.65 22.69
CA GLU A 153 21.73 20.32 23.64
C GLU A 153 21.68 19.61 25.00
N LEU A 154 20.48 19.24 25.46
CA LEU A 154 20.25 18.70 26.82
C LEU A 154 20.50 17.19 26.88
N VAL A 155 20.68 16.52 25.73
CA VAL A 155 20.91 15.05 25.69
C VAL A 155 22.30 14.78 25.10
N GLU A 156 23.12 14.05 25.86
CA GLU A 156 24.49 13.64 25.43
C GLU A 156 24.43 12.16 24.99
N GLY A 157 23.75 11.32 25.80
CA GLY A 157 23.61 9.88 25.52
C GLY A 157 22.17 9.46 25.71
N LEU A 158 21.81 8.32 25.11
CA LEU A 158 20.56 7.58 25.40
C LEU A 158 20.87 6.10 25.42
N VAL A 159 20.53 5.42 26.51
CA VAL A 159 20.35 3.94 26.54
C VAL A 159 18.85 3.68 26.38
N LEU A 160 18.42 3.21 25.20
CA LEU A 160 17.00 2.95 24.90
C LEU A 160 16.73 1.44 24.94
N ILE A 161 16.06 0.98 25.99
CA ILE A 161 15.69 -0.45 26.18
C ILE A 161 14.28 -0.67 25.64
N ASN A 162 14.10 -1.68 24.76
CA ASN A 162 12.79 -2.18 24.27
C ASN A 162 12.02 -1.03 23.59
N VAL A 163 12.74 -0.13 22.90
CA VAL A 163 12.15 1.06 22.22
C VAL A 163 11.40 0.64 20.96
N ASP A 164 10.25 1.29 20.70
CA ASP A 164 9.46 1.12 19.44
C ASP A 164 9.16 2.50 18.88
N PRO A 165 9.82 2.91 17.78
CA PRO A 165 9.59 4.23 17.19
C PRO A 165 8.36 4.28 16.28
N CYS A 166 7.85 3.14 15.84
CA CYS A 166 6.63 3.05 14.99
C CYS A 166 5.38 3.15 15.86
N ALA A 167 4.26 3.61 15.29
CA ALA A 167 2.93 3.64 15.96
C ALA A 167 2.44 2.21 16.17
N LYS A 168 1.58 2.02 17.18
CA LYS A 168 1.07 0.68 17.58
C LYS A 168 0.31 0.06 16.42
N GLY A 169 0.63 -1.19 16.09
CA GLY A 169 -0.08 -2.00 15.08
C GLY A 169 -1.54 -2.13 15.44
N TRP A 170 -2.44 -1.94 14.47
CA TRP A 170 -3.90 -1.93 14.70
C TRP A 170 -4.38 -3.35 15.01
N ILE A 171 -3.52 -4.34 14.74
CA ILE A 171 -3.79 -5.80 14.90
C ILE A 171 -2.45 -6.53 14.94
N ASP A 172 -2.31 -7.53 15.82
CA ASP A 172 -1.22 -8.53 15.74
C ASP A 172 -1.80 -9.76 15.06
N TRP A 173 -1.19 -10.15 13.93
CA TRP A 173 -1.68 -11.26 13.08
C TRP A 173 -1.31 -12.61 13.71
N ALA A 174 -0.36 -12.62 14.65
CA ALA A 174 0.01 -13.80 15.48
C ALA A 174 -0.86 -13.85 16.75
N ALA A 175 -2.18 -13.97 16.54
CA ALA A 175 -3.23 -14.08 17.59
C ALA A 175 -4.44 -14.78 16.97
N SER A 176 -5.48 -15.09 17.75
CA SER A 176 -6.64 -15.92 17.32
C SER A 176 -7.89 -15.08 17.02
N LYS A 177 -7.91 -13.80 17.40
CA LYS A 177 -9.09 -12.90 17.27
C LYS A 177 -8.64 -11.45 17.46
N LEU A 178 -9.54 -10.47 17.28
CA LEU A 178 -9.32 -9.04 17.70
C LEU A 178 -10.39 -8.64 18.73
N SER A 179 -9.96 -8.20 19.91
CA SER A 179 -10.80 -7.75 21.05
C SER A 179 -10.08 -6.63 21.82
N GLY A 180 -9.80 -5.52 21.15
CA GLY A 180 -8.96 -4.41 21.64
C GLY A 180 -9.53 -3.73 22.88
N LEU A 181 -10.80 -3.32 22.84
CA LEU A 181 -11.43 -2.42 23.86
C LEU A 181 -12.23 -3.22 24.91
N THR A 182 -12.04 -4.53 25.05
CA THR A 182 -12.76 -5.34 26.08
C THR A 182 -11.86 -6.46 26.63
N THR A 183 -10.65 -6.11 27.07
CA THR A 183 -9.71 -7.04 27.76
C THR A 183 -9.02 -6.31 28.92
N ASN A 184 -8.56 -7.05 29.93
CA ASN A 184 -7.93 -6.51 31.17
C ASN A 184 -6.67 -5.70 30.82
N VAL A 185 -6.38 -4.65 31.63
CA VAL A 185 -5.21 -3.74 31.50
C VAL A 185 -3.91 -4.47 31.87
N VAL A 186 -3.85 -5.00 33.10
CA VAL A 186 -2.65 -5.68 33.68
C VAL A 186 -2.13 -6.72 32.66
N ASP A 187 -3.03 -7.49 32.06
CA ASP A 187 -2.72 -8.59 31.11
C ASP A 187 -2.18 -8.00 29.80
N ILE A 188 -2.77 -6.89 29.33
CA ILE A 188 -2.26 -6.13 28.15
C ILE A 188 -0.79 -5.81 28.41
N ILE A 189 -0.51 -5.13 29.52
CA ILE A 189 0.84 -4.55 29.82
C ILE A 189 1.83 -5.70 30.01
N LEU A 190 1.47 -6.73 30.78
CA LEU A 190 2.29 -7.97 30.93
C LEU A 190 2.75 -8.41 29.54
N ALA A 191 1.80 -8.57 28.60
CA ALA A 191 2.03 -9.00 27.20
C ALA A 191 3.05 -8.09 26.53
N HIS A 192 2.89 -6.77 26.70
CA HIS A 192 3.80 -5.72 26.15
C HIS A 192 5.22 -5.94 26.66
N HIS A 193 5.38 -6.40 27.90
CA HIS A 193 6.71 -6.59 28.56
C HIS A 193 7.34 -7.92 28.14
N PHE A 194 6.62 -9.03 28.33
CA PHE A 194 7.20 -10.41 28.34
C PHE A 194 6.83 -11.18 27.07
N GLY A 195 7.80 -11.95 26.56
CA GLY A 195 7.66 -12.84 25.39
C GLY A 195 6.54 -13.85 25.60
N GLN A 196 6.02 -14.41 24.51
CA GLN A 196 4.89 -15.38 24.55
C GLN A 196 5.24 -16.54 25.48
N GLU A 197 6.35 -17.25 25.19
CA GLU A 197 6.79 -18.43 25.98
C GLU A 197 7.12 -18.02 27.42
N GLU A 198 7.82 -16.90 27.60
CA GLU A 198 8.17 -16.44 28.98
C GLU A 198 6.88 -16.19 29.78
N LEU A 199 5.86 -15.63 29.14
CA LEU A 199 4.58 -15.25 29.82
C LEU A 199 3.76 -16.50 30.16
N GLN A 200 3.78 -17.51 29.29
CA GLN A 200 3.01 -18.79 29.45
C GLN A 200 3.61 -19.62 30.59
N ALA A 201 4.94 -19.67 30.69
CA ALA A 201 5.70 -20.31 31.79
C ALA A 201 5.26 -19.71 33.14
N ASN A 202 5.07 -18.39 33.19
CA ASN A 202 4.49 -17.64 34.35
C ASN A 202 5.33 -17.91 35.61
N LEU A 203 6.64 -17.66 35.51
CA LEU A 203 7.63 -17.89 36.60
C LEU A 203 7.63 -16.69 37.55
N ASP A 204 8.47 -16.73 38.59
CA ASP A 204 8.54 -15.70 39.67
C ASP A 204 8.63 -14.30 39.04
N LEU A 205 9.37 -14.13 37.94
CA LEU A 205 9.52 -12.81 37.26
C LEU A 205 8.15 -12.29 36.83
N ILE A 206 7.32 -13.15 36.25
CA ILE A 206 5.99 -12.76 35.67
C ILE A 206 4.98 -12.52 36.79
N GLN A 207 4.91 -13.43 37.77
CA GLN A 207 3.98 -13.35 38.93
C GLN A 207 4.31 -12.07 39.73
N THR A 208 5.61 -11.82 39.93
CA THR A 208 6.17 -10.63 40.60
C THR A 208 5.71 -9.35 39.89
N TYR A 209 5.73 -9.34 38.56
CA TYR A 209 5.47 -8.13 37.73
C TYR A 209 3.99 -8.03 37.32
N ARG A 210 3.20 -9.08 37.52
CA ARG A 210 1.72 -8.95 37.53
C ARG A 210 1.37 -8.12 38.77
N MET A 211 1.91 -8.50 39.93
CA MET A 211 1.65 -7.85 41.25
C MET A 211 2.15 -6.40 41.23
N HIS A 212 3.29 -6.12 40.59
CA HIS A 212 3.87 -4.75 40.46
C HIS A 212 2.91 -3.87 39.67
N ILE A 213 2.37 -4.38 38.55
CA ILE A 213 1.47 -3.61 37.65
C ILE A 213 0.12 -3.37 38.35
N ALA A 214 -0.40 -4.38 39.04
CA ALA A 214 -1.76 -4.39 39.65
C ALA A 214 -1.84 -3.47 40.87
N GLN A 215 -0.77 -3.42 41.68
CA GLN A 215 -0.81 -2.83 43.05
C GLN A 215 0.07 -1.57 43.18
N ASP A 216 1.21 -1.51 42.50
CA ASP A 216 2.20 -0.42 42.67
C ASP A 216 1.72 0.86 41.98
N ILE A 217 0.92 0.74 40.92
CA ILE A 217 0.47 1.91 40.10
C ILE A 217 -1.03 2.13 40.34
N ASN A 218 -1.47 3.39 40.20
CA ASN A 218 -2.89 3.79 40.21
C ASN A 218 -3.55 3.28 38.92
N GLN A 219 -4.43 2.28 39.04
CA GLN A 219 -5.02 1.54 37.88
C GLN A 219 -5.80 2.52 37.00
N ASP A 220 -6.61 3.41 37.58
CA ASP A 220 -7.34 4.48 36.86
C ASP A 220 -6.34 5.27 36.01
N ASN A 221 -5.30 5.80 36.65
CA ASN A 221 -4.25 6.66 36.03
C ASN A 221 -3.46 5.86 34.98
N LEU A 222 -3.09 4.62 35.31
CA LEU A 222 -2.29 3.74 34.42
C LEU A 222 -2.98 3.59 33.06
N GLN A 223 -4.30 3.42 33.06
CA GLN A 223 -5.10 3.28 31.81
C GLN A 223 -4.82 4.49 30.90
N LEU A 224 -4.74 5.70 31.48
CA LEU A 224 -4.49 6.94 30.72
C LEU A 224 -3.10 6.89 30.10
N PHE A 225 -2.08 6.54 30.89
CA PHE A 225 -0.66 6.45 30.45
C PHE A 225 -0.53 5.39 29.36
N LEU A 226 -1.10 4.20 29.59
CA LEU A 226 -1.16 3.14 28.56
C LEU A 226 -1.72 3.78 27.28
N ASN A 227 -2.93 4.36 27.36
CA ASN A 227 -3.64 4.99 26.21
C ASN A 227 -2.74 6.00 25.49
N SER A 228 -1.96 6.77 26.24
CA SER A 228 -1.00 7.78 25.70
C SER A 228 0.06 7.07 24.86
N TYR A 229 0.66 5.99 25.41
CA TYR A 229 1.74 5.20 24.75
C TYR A 229 1.19 4.46 23.54
N ASN A 230 -0.05 3.97 23.61
CA ASN A 230 -0.72 3.22 22.50
C ASN A 230 -1.05 4.20 21.37
N GLY A 231 -1.24 5.49 21.69
CA GLY A 231 -1.58 6.56 20.72
C GLY A 231 -0.34 7.22 20.14
N ARG A 232 0.84 6.85 20.63
CA ARG A 232 2.13 7.43 20.18
C ARG A 232 2.11 7.48 18.66
N ARG A 233 2.60 8.58 18.08
CA ARG A 233 2.74 8.70 16.61
C ARG A 233 4.13 8.19 16.23
N ASP A 234 4.37 8.01 14.94
CA ASP A 234 5.67 7.54 14.42
C ASP A 234 6.73 8.60 14.69
N LEU A 235 7.87 8.17 15.24
CA LEU A 235 9.00 9.06 15.64
C LEU A 235 9.47 9.91 14.44
N GLU A 236 9.48 9.32 13.24
CA GLU A 236 9.87 10.06 12.00
C GLU A 236 11.38 9.99 11.76
N ILE A 237 12.15 9.41 12.69
CA ILE A 237 13.62 9.26 12.48
C ILE A 237 13.85 8.44 11.19
N GLU A 238 14.86 8.84 10.40
CA GLU A 238 15.32 8.12 9.19
C GLU A 238 16.84 8.26 9.07
N ARG A 239 17.55 7.14 9.00
CA ARG A 239 19.02 7.09 8.82
C ARG A 239 19.40 7.91 7.60
N PRO A 240 20.42 8.78 7.69
CA PRO A 240 20.84 9.59 6.56
C PRO A 240 21.83 8.81 5.68
N ILE A 241 21.81 9.07 4.38
CA ILE A 241 22.80 8.52 3.40
C ILE A 241 23.99 9.50 3.35
N LEU A 242 25.19 9.05 3.70
CA LEU A 242 26.36 9.94 3.98
C LEU A 242 26.61 10.82 2.74
N GLY A 243 26.68 10.20 1.57
CA GLY A 243 26.73 10.93 0.30
C GLY A 243 25.48 11.79 0.14
N GLN A 244 25.63 12.95 -0.51
CA GLN A 244 24.49 13.79 -0.99
C GLN A 244 23.40 13.80 0.09
N ASN A 245 23.78 14.29 1.28
CA ASN A 245 22.86 14.50 2.43
C ASN A 245 22.23 15.89 2.30
N ASP A 246 21.30 16.05 1.35
CA ASP A 246 20.65 17.35 1.04
C ASP A 246 19.42 17.52 1.94
N ASN A 247 18.50 16.55 1.92
CA ASN A 247 17.23 16.56 2.70
C ASN A 247 17.54 16.63 4.20
N LYS A 248 18.55 15.86 4.64
CA LYS A 248 19.01 15.78 6.05
C LYS A 248 17.81 15.48 6.97
N SER A 249 16.99 14.47 6.61
CA SER A 249 15.84 13.97 7.40
C SER A 249 16.32 13.62 8.82
N LYS A 250 15.68 14.22 9.84
CA LYS A 250 16.17 14.28 11.25
C LYS A 250 16.30 12.88 11.86
N THR A 251 17.36 12.67 12.65
CA THR A 251 17.52 11.56 13.63
C THR A 251 18.14 12.12 14.92
N LEU A 252 18.31 11.26 15.94
CA LEU A 252 19.04 11.57 17.18
C LEU A 252 20.46 11.99 16.82
N LYS A 253 20.96 13.09 17.41
CA LYS A 253 22.32 13.62 17.19
C LYS A 253 23.31 12.93 18.14
N CYS A 254 22.81 12.41 19.26
CA CYS A 254 23.60 11.87 20.40
C CYS A 254 24.01 10.42 20.15
N SER A 255 25.05 9.96 20.85
CA SER A 255 25.41 8.52 20.97
C SER A 255 24.21 7.78 21.55
N THR A 256 23.96 6.56 21.10
CA THR A 256 22.77 5.75 21.48
C THR A 256 23.14 4.28 21.65
N LEU A 257 22.64 3.66 22.73
CA LEU A 257 22.74 2.20 22.97
C LEU A 257 21.32 1.61 22.99
N LEU A 258 20.90 1.05 21.85
CA LEU A 258 19.64 0.27 21.73
C LEU A 258 19.87 -1.10 22.39
N VAL A 259 18.99 -1.48 23.31
CA VAL A 259 19.09 -2.73 24.12
C VAL A 259 17.75 -3.46 24.03
N VAL A 260 17.80 -4.76 23.75
CA VAL A 260 16.61 -5.65 23.70
C VAL A 260 17.08 -7.07 24.02
N GLY A 261 16.25 -7.85 24.74
CA GLY A 261 16.49 -9.28 24.94
C GLY A 261 16.21 -10.05 23.65
N ASP A 262 16.88 -11.18 23.44
CA ASP A 262 16.61 -12.10 22.29
C ASP A 262 15.11 -12.39 22.21
N ASN A 263 14.45 -12.56 23.36
CA ASN A 263 13.05 -13.04 23.48
C ASN A 263 12.10 -11.91 23.89
N SER A 264 12.50 -10.65 23.78
CA SER A 264 11.57 -9.51 23.99
C SER A 264 10.63 -9.45 22.79
N PRO A 265 9.31 -9.27 22.96
CA PRO A 265 8.43 -8.94 21.84
C PRO A 265 8.88 -7.68 21.08
N ALA A 266 9.73 -6.88 21.72
CA ALA A 266 10.26 -5.59 21.21
C ALA A 266 11.25 -5.81 20.05
N VAL A 267 11.92 -6.96 19.98
CA VAL A 267 13.11 -7.18 19.11
C VAL A 267 12.82 -6.64 17.71
N GLU A 268 11.69 -7.03 17.11
CA GLU A 268 11.26 -6.57 15.76
C GLU A 268 11.43 -5.05 15.69
N ALA A 269 10.78 -4.34 16.63
CA ALA A 269 10.78 -2.86 16.73
C ALA A 269 12.19 -2.32 16.98
N VAL A 270 12.91 -2.85 17.97
CA VAL A 270 14.24 -2.33 18.40
C VAL A 270 15.20 -2.41 17.20
N VAL A 271 15.16 -3.51 16.44
CA VAL A 271 16.01 -3.66 15.22
C VAL A 271 15.60 -2.59 14.21
N GLU A 272 14.30 -2.31 14.09
CA GLU A 272 13.73 -1.29 13.17
C GLU A 272 14.27 0.09 13.57
N CYS A 273 14.18 0.42 14.85
CA CYS A 273 14.73 1.67 15.42
C CYS A 273 16.19 1.83 15.03
N ASN A 274 16.99 0.76 15.17
CA ASN A 274 18.42 0.72 14.78
C ASN A 274 18.54 0.98 13.27
N SER A 275 17.57 0.52 12.49
CA SER A 275 17.54 0.66 11.00
C SER A 275 17.25 2.11 10.61
N ARG A 276 16.95 2.99 11.57
CA ARG A 276 16.48 4.37 11.30
C ARG A 276 17.34 5.40 12.06
N LEU A 277 18.39 4.95 12.72
CA LEU A 277 19.33 5.83 13.46
C LEU A 277 20.69 5.79 12.76
N ASN A 278 21.49 6.82 12.99
CA ASN A 278 22.84 6.98 12.39
C ASN A 278 23.73 5.88 12.96
N PRO A 279 24.26 4.95 12.14
CA PRO A 279 25.11 3.87 12.66
C PRO A 279 26.41 4.35 13.34
N ILE A 280 26.93 5.53 12.97
CA ILE A 280 28.19 6.11 13.52
C ILE A 280 27.99 6.52 14.98
N ASN A 281 26.74 6.76 15.40
CA ASN A 281 26.38 7.20 16.79
C ASN A 281 25.49 6.16 17.49
N THR A 282 25.24 4.99 16.89
CA THR A 282 24.27 3.99 17.41
C THR A 282 24.91 2.61 17.48
N THR A 283 24.57 1.85 18.53
CA THR A 283 24.93 0.43 18.73
C THR A 283 23.69 -0.35 19.18
N LEU A 284 23.45 -1.50 18.53
CA LEU A 284 22.41 -2.48 18.94
C LEU A 284 23.08 -3.53 19.84
N LEU A 285 22.42 -3.84 20.96
CA LEU A 285 22.83 -4.89 21.92
C LEU A 285 21.66 -5.86 22.09
N LYS A 286 21.70 -6.99 21.39
CA LYS A 286 20.73 -8.09 21.62
C LYS A 286 21.30 -8.97 22.74
N MET A 287 20.64 -8.98 23.89
CA MET A 287 21.12 -9.69 25.10
C MET A 287 20.75 -11.18 24.96
N ALA A 288 21.69 -12.06 25.31
CA ALA A 288 21.54 -13.53 25.25
C ALA A 288 20.61 -13.99 26.37
N ASP A 289 19.86 -15.07 26.13
CA ASP A 289 18.97 -15.75 27.13
C ASP A 289 18.19 -14.71 27.94
N CYS A 290 17.50 -13.80 27.24
CA CYS A 290 16.82 -12.63 27.84
C CYS A 290 15.48 -12.36 27.15
N GLY A 291 14.50 -11.88 27.92
CA GLY A 291 13.19 -11.43 27.42
C GLY A 291 12.89 -10.01 27.84
N GLY A 292 11.71 -9.78 28.42
CA GLY A 292 11.32 -8.48 29.00
C GLY A 292 12.28 -8.12 30.12
N LEU A 293 12.48 -6.81 30.34
CA LEU A 293 13.23 -6.25 31.49
C LEU A 293 14.66 -6.81 31.53
N PRO A 294 15.48 -6.63 30.47
CA PRO A 294 16.90 -6.96 30.54
C PRO A 294 17.61 -6.33 31.74
N GLN A 295 17.21 -5.13 32.16
CA GLN A 295 17.89 -4.34 33.23
C GLN A 295 17.71 -5.03 34.59
N VAL A 296 16.70 -5.90 34.73
CA VAL A 296 16.45 -6.67 35.99
C VAL A 296 16.89 -8.12 35.82
N VAL A 297 16.69 -8.72 34.64
CA VAL A 297 17.00 -10.16 34.40
C VAL A 297 18.52 -10.35 34.37
N GLN A 298 19.26 -9.46 33.70
CA GLN A 298 20.74 -9.56 33.52
C GLN A 298 21.38 -8.21 33.76
N PRO A 299 21.31 -7.65 34.99
CA PRO A 299 21.85 -6.32 35.27
C PRO A 299 23.38 -6.30 35.19
N GLY A 300 24.00 -7.46 35.43
CA GLY A 300 25.47 -7.63 35.37
C GLY A 300 26.03 -7.36 33.99
N LYS A 301 25.39 -7.92 32.96
CA LYS A 301 25.81 -7.77 31.54
C LYS A 301 25.49 -6.35 31.05
N LEU A 302 24.28 -5.86 31.33
CA LEU A 302 23.80 -4.53 30.84
C LEU A 302 24.69 -3.42 31.41
N THR A 303 25.09 -3.55 32.67
CA THR A 303 25.96 -2.58 33.40
C THR A 303 27.24 -2.38 32.58
N GLU A 304 27.93 -3.49 32.30
CA GLU A 304 29.24 -3.52 31.61
C GLU A 304 29.09 -2.84 30.25
N ALA A 305 27.98 -3.10 29.54
CA ALA A 305 27.62 -2.43 28.26
C ALA A 305 27.52 -0.92 28.48
N PHE A 306 26.71 -0.50 29.48
CA PHE A 306 26.54 0.92 29.87
C PHE A 306 27.90 1.55 30.18
N LYS A 307 28.79 0.78 30.83
CA LYS A 307 30.14 1.26 31.25
C LYS A 307 30.97 1.61 30.02
N TYR A 308 30.98 0.72 29.02
CA TYR A 308 31.69 0.89 27.73
C TYR A 308 31.11 2.09 26.99
N PHE A 309 29.79 2.25 27.04
CA PHE A 309 29.01 3.32 26.37
C PHE A 309 29.43 4.68 26.93
N LEU A 310 29.45 4.80 28.26
CA LEU A 310 29.92 6.01 29.00
C LEU A 310 31.38 6.28 28.63
N GLN A 311 32.23 5.24 28.61
CA GLN A 311 33.68 5.35 28.26
C GLN A 311 33.83 5.90 26.84
N GLY A 312 32.90 5.55 25.93
CA GLY A 312 32.87 6.07 24.55
C GLY A 312 32.82 7.59 24.55
N MET A 313 31.94 8.16 25.39
CA MET A 313 31.65 9.61 25.47
C MET A 313 32.76 10.34 26.24
N GLY A 314 33.61 9.60 26.96
CA GLY A 314 34.82 10.13 27.63
C GLY A 314 34.70 10.18 29.14
N TYR A 315 33.59 9.69 29.70
CA TYR A 315 33.36 9.57 31.16
C TYR A 315 33.92 8.25 31.67
N ILE A 316 34.16 8.14 32.98
CA ILE A 316 34.55 6.88 33.68
C ILE A 316 35.75 6.25 32.97
N PRO A 317 36.91 6.95 32.83
CA PRO A 317 38.13 6.33 32.31
C PRO A 317 38.64 5.13 33.13
N ASP B 29 -32.29 13.75 -0.36
CA ASP B 29 -31.34 13.09 -1.30
C ASP B 29 -30.04 12.78 -0.55
N SER B 30 -30.14 12.00 0.53
CA SER B 30 -29.06 11.79 1.52
C SER B 30 -28.96 10.32 1.92
N GLN B 31 -27.77 9.90 2.39
CA GLN B 31 -27.44 8.51 2.78
C GLN B 31 -26.41 8.54 3.93
N GLU B 32 -26.73 7.91 5.06
CA GLU B 32 -25.85 7.79 6.25
C GLU B 32 -25.06 6.48 6.18
N HIS B 33 -23.79 6.50 6.61
CA HIS B 33 -22.92 5.30 6.72
C HIS B 33 -22.16 5.34 8.05
N ASP B 34 -22.16 4.21 8.78
CA ASP B 34 -21.17 3.94 9.85
C ASP B 34 -19.98 3.23 9.19
N ILE B 35 -18.83 3.90 9.09
CA ILE B 35 -17.60 3.36 8.42
C ILE B 35 -16.62 2.92 9.50
N GLU B 36 -16.36 1.62 9.59
CA GLU B 36 -15.40 1.05 10.57
C GLU B 36 -13.99 1.18 10.00
N THR B 37 -13.08 1.74 10.80
CA THR B 37 -11.66 1.94 10.45
C THR B 37 -10.79 1.18 11.46
N THR B 38 -9.48 1.20 11.28
CA THR B 38 -8.48 0.61 12.21
C THR B 38 -8.59 1.27 13.59
N HIS B 39 -8.96 2.56 13.62
CA HIS B 39 -9.03 3.40 14.85
C HIS B 39 -10.49 3.66 15.24
N GLY B 40 -11.43 2.91 14.67
CA GLY B 40 -12.83 2.85 15.15
C GLY B 40 -13.83 3.36 14.14
N VAL B 41 -15.11 3.40 14.52
CA VAL B 41 -16.22 3.83 13.61
C VAL B 41 -16.18 5.35 13.47
N VAL B 42 -16.51 5.84 12.27
CA VAL B 42 -16.78 7.29 11.99
C VAL B 42 -18.08 7.40 11.19
N HIS B 43 -19.05 8.16 11.71
CA HIS B 43 -20.37 8.37 11.08
C HIS B 43 -20.22 9.43 10.00
N VAL B 44 -20.60 9.12 8.75
CA VAL B 44 -20.55 10.09 7.62
C VAL B 44 -21.92 10.11 6.93
N THR B 45 -22.24 11.24 6.30
CA THR B 45 -23.53 11.52 5.64
C THR B 45 -23.25 12.03 4.22
N ILE B 46 -23.49 11.20 3.19
CA ILE B 46 -23.32 11.61 1.76
C ILE B 46 -24.66 12.13 1.24
N ARG B 47 -24.73 13.43 0.95
CA ARG B 47 -25.85 14.07 0.22
C ARG B 47 -25.39 14.29 -1.23
N GLY B 48 -26.11 13.69 -2.18
CA GLY B 48 -25.77 13.75 -3.61
C GLY B 48 -24.93 12.55 -4.04
N LEU B 49 -24.89 12.29 -5.35
CA LEU B 49 -24.28 11.09 -5.96
C LEU B 49 -22.90 11.43 -6.53
N PRO B 50 -21.82 10.75 -6.08
CA PRO B 50 -20.46 11.06 -6.56
C PRO B 50 -20.26 10.86 -8.07
N LYS B 51 -19.52 11.77 -8.70
CA LYS B 51 -19.14 11.71 -10.14
C LYS B 51 -17.83 10.93 -10.28
N GLY B 52 -17.49 10.53 -11.51
CA GLY B 52 -16.31 9.71 -11.82
C GLY B 52 -15.01 10.42 -11.50
N ASN B 53 -14.83 11.66 -11.98
CA ASN B 53 -13.55 12.41 -11.86
C ASN B 53 -13.69 13.64 -10.95
N ARG B 54 -14.91 14.18 -10.76
CA ARG B 54 -15.13 15.37 -9.88
C ARG B 54 -14.88 14.95 -8.43
N PRO B 55 -14.22 15.78 -7.60
CA PRO B 55 -14.03 15.46 -6.19
C PRO B 55 -15.33 15.70 -5.41
N VAL B 56 -15.47 15.10 -4.23
CA VAL B 56 -16.61 15.40 -3.31
C VAL B 56 -16.17 16.54 -2.38
N ILE B 57 -17.14 17.36 -1.96
CA ILE B 57 -16.84 18.42 -0.96
C ILE B 57 -17.03 17.74 0.39
N LEU B 58 -15.91 17.38 1.04
CA LEU B 58 -15.89 16.64 2.33
C LEU B 58 -15.80 17.64 3.49
N THR B 59 -16.42 17.29 4.62
CA THR B 59 -16.68 18.21 5.77
C THR B 59 -16.20 17.56 7.07
N TYR B 60 -15.47 18.32 7.90
CA TYR B 60 -15.08 17.92 9.27
C TYR B 60 -15.37 19.10 10.21
N HIS B 61 -16.34 18.91 11.12
CA HIS B 61 -16.83 19.93 12.10
C HIS B 61 -15.82 20.21 13.20
N ASP B 62 -16.13 21.19 14.05
CA ASP B 62 -15.24 21.69 15.15
C ASP B 62 -15.68 21.06 16.48
N ILE B 63 -14.86 21.23 17.52
CA ILE B 63 -15.14 20.72 18.91
C ILE B 63 -16.49 21.28 19.38
N GLY B 64 -17.34 20.42 19.95
CA GLY B 64 -18.64 20.82 20.52
C GLY B 64 -19.70 21.02 19.45
N LEU B 65 -19.44 20.59 18.23
CA LEU B 65 -20.44 20.60 17.13
C LEU B 65 -20.52 19.18 16.56
N ASN B 66 -21.52 18.94 15.72
CA ASN B 66 -21.58 17.82 14.73
C ASN B 66 -21.87 18.48 13.37
N HIS B 67 -21.93 17.71 12.28
CA HIS B 67 -22.07 18.26 10.91
C HIS B 67 -23.31 19.16 10.83
N LYS B 68 -24.38 18.78 11.53
CA LYS B 68 -25.68 19.51 11.52
C LYS B 68 -25.46 20.90 12.13
N SER B 69 -24.94 20.95 13.37
CA SER B 69 -24.60 22.20 14.12
C SER B 69 -23.74 23.11 13.26
N CYS B 70 -22.69 22.55 12.64
CA CYS B 70 -21.57 23.28 12.00
C CYS B 70 -21.93 23.71 10.56
N PHE B 71 -22.54 22.85 9.75
CA PHE B 71 -22.59 23.03 8.27
C PHE B 71 -24.01 23.05 7.69
N ASN B 72 -24.97 22.37 8.32
CA ASN B 72 -26.34 22.21 7.77
C ASN B 72 -26.88 23.57 7.33
N ALA B 73 -26.73 24.59 8.20
CA ALA B 73 -27.17 26.00 7.98
C ALA B 73 -26.55 26.53 6.70
N PHE B 74 -25.22 26.42 6.61
CA PHE B 74 -24.39 26.90 5.46
C PHE B 74 -24.84 26.20 4.17
N PHE B 75 -24.81 24.87 4.14
CA PHE B 75 -24.97 24.07 2.89
C PHE B 75 -26.41 24.13 2.36
N ASN B 76 -27.40 24.43 3.22
CA ASN B 76 -28.80 24.58 2.79
C ASN B 76 -29.03 25.98 2.22
N PHE B 77 -28.18 26.95 2.60
CA PHE B 77 -28.28 28.36 2.12
C PHE B 77 -28.45 28.37 0.60
N GLU B 78 -29.34 29.25 0.12
CA GLU B 78 -29.81 29.28 -1.29
C GLU B 78 -28.64 29.17 -2.28
N ASP B 79 -27.68 30.09 -2.19
CA ASP B 79 -26.59 30.25 -3.19
C ASP B 79 -25.67 29.02 -3.18
N MET B 80 -25.37 28.46 -2.01
CA MET B 80 -24.52 27.26 -1.85
C MET B 80 -25.19 26.07 -2.55
N GLN B 81 -26.52 25.95 -2.44
CA GLN B 81 -27.31 24.82 -3.01
C GLN B 81 -26.94 24.61 -4.49
N GLU B 82 -26.69 25.69 -5.23
CA GLU B 82 -26.36 25.66 -6.68
C GLU B 82 -24.94 25.16 -6.91
N ILE B 83 -24.08 25.23 -5.89
CA ILE B 83 -22.71 24.64 -5.91
C ILE B 83 -22.83 23.15 -5.54
N THR B 84 -23.34 22.85 -4.34
CA THR B 84 -23.53 21.47 -3.81
C THR B 84 -24.20 20.59 -4.87
N GLN B 85 -25.03 21.20 -5.73
CA GLN B 85 -25.69 20.54 -6.89
C GLN B 85 -24.69 19.77 -7.75
N HIS B 86 -23.57 20.40 -8.13
CA HIS B 86 -22.60 19.90 -9.16
C HIS B 86 -21.54 18.98 -8.54
N PHE B 87 -21.38 19.04 -7.23
CA PHE B 87 -20.53 18.11 -6.43
C PHE B 87 -21.44 17.19 -5.60
N ALA B 88 -20.91 16.04 -5.20
CA ALA B 88 -21.45 15.25 -4.06
C ALA B 88 -20.88 15.85 -2.77
N VAL B 89 -21.65 15.81 -1.69
CA VAL B 89 -21.22 16.32 -0.35
C VAL B 89 -21.13 15.12 0.60
N CYS B 90 -20.02 15.01 1.34
CA CYS B 90 -19.77 13.92 2.32
C CYS B 90 -19.42 14.51 3.68
N HIS B 91 -20.38 14.48 4.62
CA HIS B 91 -20.27 15.12 5.97
C HIS B 91 -19.73 14.12 7.01
N VAL B 92 -18.47 14.27 7.41
CA VAL B 92 -17.82 13.43 8.45
C VAL B 92 -18.21 13.95 9.84
N ASP B 93 -18.55 13.03 10.76
CA ASP B 93 -18.84 13.31 12.19
C ASP B 93 -17.76 12.62 13.04
N ALA B 94 -16.88 13.43 13.65
CA ALA B 94 -15.76 12.97 14.50
C ALA B 94 -16.25 11.94 15.50
N PRO B 95 -15.46 10.86 15.75
CA PRO B 95 -15.91 9.77 16.62
C PRO B 95 -16.66 10.23 17.88
N GLY B 96 -17.86 9.66 18.11
CA GLY B 96 -18.69 9.88 19.31
C GLY B 96 -19.45 11.21 19.28
N GLN B 97 -19.20 12.05 18.28
CA GLN B 97 -19.76 13.42 18.20
C GLN B 97 -21.04 13.43 17.35
N GLN B 98 -21.29 12.34 16.59
CA GLN B 98 -22.50 12.19 15.73
C GLN B 98 -23.75 12.14 16.62
N GLU B 99 -24.89 12.57 16.08
CA GLU B 99 -26.20 12.60 16.80
C GLU B 99 -26.54 11.19 17.29
N GLY B 100 -26.93 11.07 18.56
CA GLY B 100 -27.41 9.80 19.15
C GLY B 100 -26.28 8.83 19.44
N ALA B 101 -25.04 9.28 19.34
CA ALA B 101 -23.83 8.47 19.66
C ALA B 101 -23.95 7.99 21.10
N PRO B 102 -23.63 6.70 21.40
CA PRO B 102 -23.51 6.23 22.77
C PRO B 102 -22.16 6.63 23.37
N SER B 103 -22.11 6.83 24.69
CA SER B 103 -20.87 7.18 25.44
C SER B 103 -19.87 6.01 25.35
N PHE B 104 -18.61 6.32 25.05
CA PHE B 104 -17.48 5.36 25.10
C PHE B 104 -17.19 5.01 26.56
N PRO B 105 -16.80 3.76 26.90
CA PRO B 105 -16.49 3.40 28.28
C PRO B 105 -15.38 4.33 28.78
N THR B 106 -15.29 4.55 30.09
CA THR B 106 -14.51 5.66 30.70
C THR B 106 -13.02 5.52 30.39
N GLY B 107 -12.51 4.29 30.34
CA GLY B 107 -11.09 4.02 30.02
C GLY B 107 -10.73 4.39 28.59
N TYR B 108 -11.73 4.52 27.72
CA TYR B 108 -11.62 4.48 26.24
C TYR B 108 -10.46 5.34 25.72
N GLN B 109 -9.66 4.74 24.85
CA GLN B 109 -8.53 5.38 24.12
C GLN B 109 -9.10 6.12 22.91
N TYR B 110 -9.51 7.38 23.08
CA TYR B 110 -10.02 8.24 21.98
C TYR B 110 -8.86 8.54 21.03
N PRO B 111 -9.10 8.57 19.70
CA PRO B 111 -8.03 8.87 18.75
C PRO B 111 -7.37 10.24 18.93
N THR B 112 -6.05 10.29 18.71
CA THR B 112 -5.25 11.55 18.63
C THR B 112 -5.70 12.32 17.40
N MET B 113 -5.44 13.62 17.34
CA MET B 113 -5.78 14.47 16.16
C MET B 113 -5.11 13.90 14.91
N ASP B 114 -3.88 13.39 15.06
CA ASP B 114 -3.11 12.77 13.94
C ASP B 114 -3.86 11.50 13.51
N GLU B 115 -4.29 10.69 14.47
CA GLU B 115 -5.06 9.44 14.23
C GLU B 115 -6.39 9.80 13.55
N LEU B 116 -7.08 10.85 14.02
CA LEU B 116 -8.42 11.27 13.54
C LEU B 116 -8.37 11.56 12.04
N ALA B 117 -7.25 12.15 11.60
CA ALA B 117 -6.94 12.46 10.18
C ALA B 117 -6.73 11.16 9.41
N GLU B 118 -6.11 10.15 10.05
CA GLU B 118 -5.78 8.85 9.42
C GLU B 118 -7.07 8.06 9.14
N MET B 119 -8.21 8.49 9.69
CA MET B 119 -9.52 7.82 9.53
C MET B 119 -10.18 8.20 8.20
N LEU B 120 -9.68 9.23 7.51
CA LEU B 120 -10.31 9.81 6.30
C LEU B 120 -10.01 9.00 5.04
N PRO B 121 -8.75 8.56 4.78
CA PRO B 121 -8.50 7.71 3.62
C PRO B 121 -9.47 6.52 3.59
N PRO B 122 -9.68 5.82 4.72
CA PRO B 122 -10.63 4.71 4.79
C PRO B 122 -12.05 5.13 4.38
N VAL B 123 -12.52 6.28 4.87
CA VAL B 123 -13.85 6.85 4.52
C VAL B 123 -13.92 6.99 3.00
N LEU B 124 -12.90 7.60 2.40
CA LEU B 124 -12.82 7.81 0.93
C LEU B 124 -12.88 6.45 0.23
N THR B 125 -11.99 5.54 0.61
CA THR B 125 -11.89 4.15 0.06
C THR B 125 -13.28 3.51 0.02
N HIS B 126 -13.93 3.42 1.18
CA HIS B 126 -15.18 2.65 1.39
C HIS B 126 -16.34 3.22 0.57
N LEU B 127 -16.38 4.54 0.37
CA LEU B 127 -17.40 5.21 -0.48
C LEU B 127 -16.90 5.32 -1.93
N SER B 128 -15.71 4.78 -2.21
CA SER B 128 -15.09 4.71 -3.55
C SER B 128 -14.89 6.13 -4.11
N LEU B 129 -14.48 7.07 -3.25
CA LEU B 129 -14.17 8.50 -3.60
C LEU B 129 -12.67 8.61 -3.90
N LYS B 130 -12.30 9.35 -4.93
CA LYS B 130 -10.91 9.41 -5.44
C LYS B 130 -10.16 10.60 -4.83
N SER B 131 -10.85 11.72 -4.63
CA SER B 131 -10.26 12.97 -4.06
C SER B 131 -11.37 13.85 -3.45
N ILE B 132 -10.97 14.83 -2.65
CA ILE B 132 -11.92 15.71 -1.91
C ILE B 132 -11.48 17.17 -2.01
N ILE B 133 -12.47 18.06 -2.00
CA ILE B 133 -12.34 19.49 -1.60
C ILE B 133 -12.84 19.60 -0.16
N GLY B 134 -11.93 19.77 0.80
CA GLY B 134 -12.25 19.77 2.24
C GLY B 134 -12.73 21.12 2.73
N ILE B 135 -13.77 21.14 3.57
CA ILE B 135 -14.17 22.32 4.40
C ILE B 135 -14.08 21.92 5.87
N GLY B 136 -13.11 22.48 6.59
CA GLY B 136 -12.91 22.23 8.04
C GLY B 136 -13.23 23.45 8.89
N VAL B 137 -13.61 23.24 10.15
CA VAL B 137 -13.71 24.30 11.19
C VAL B 137 -12.91 23.87 12.41
N GLY B 138 -11.93 24.70 12.81
CA GLY B 138 -11.12 24.54 14.03
C GLY B 138 -10.38 23.22 14.06
N ALA B 139 -10.84 22.28 14.90
CA ALA B 139 -10.33 20.89 14.96
C ALA B 139 -10.41 20.27 13.57
N GLY B 140 -11.57 20.39 12.93
CA GLY B 140 -11.81 19.92 11.56
C GLY B 140 -10.75 20.42 10.60
N ALA B 141 -10.43 21.72 10.67
CA ALA B 141 -9.48 22.39 9.75
C ALA B 141 -8.07 21.83 9.95
N TYR B 142 -7.69 21.55 11.20
CA TYR B 142 -6.40 20.90 11.55
C TYR B 142 -6.42 19.49 10.95
N ILE B 143 -7.45 18.71 11.29
CA ILE B 143 -7.59 17.29 10.84
C ILE B 143 -7.46 17.22 9.32
N LEU B 144 -8.23 18.00 8.56
CA LEU B 144 -8.21 18.03 7.07
C LEU B 144 -6.87 18.55 6.56
N SER B 145 -6.21 19.44 7.31
CA SER B 145 -4.86 19.98 6.98
C SER B 145 -3.84 18.86 7.15
N ARG B 146 -3.93 18.12 8.25
CA ARG B 146 -3.04 16.99 8.56
C ARG B 146 -3.17 15.96 7.43
N PHE B 147 -4.42 15.64 7.09
CA PHE B 147 -4.82 14.70 6.02
C PHE B 147 -4.10 15.08 4.71
N ALA B 148 -4.27 16.33 4.27
CA ALA B 148 -3.66 16.90 3.04
C ALA B 148 -2.14 16.73 3.06
N LEU B 149 -1.49 17.01 4.19
CA LEU B 149 -0.02 16.82 4.34
C LEU B 149 0.30 15.35 4.12
N ASN B 150 -0.46 14.46 4.76
CA ASN B 150 -0.27 12.98 4.72
C ASN B 150 -0.54 12.45 3.30
N HIS B 151 -1.61 12.94 2.65
CA HIS B 151 -2.14 12.41 1.35
C HIS B 151 -2.48 13.56 0.40
N PRO B 152 -1.45 14.22 -0.15
CA PRO B 152 -1.63 15.40 -1.00
C PRO B 152 -2.49 15.16 -2.25
N GLU B 153 -2.32 14.01 -2.90
CA GLU B 153 -3.04 13.60 -4.15
C GLU B 153 -4.56 13.55 -3.92
N LEU B 154 -4.98 13.14 -2.71
CA LEU B 154 -6.42 13.07 -2.31
C LEU B 154 -7.02 14.45 -2.06
N VAL B 155 -6.25 15.42 -1.57
CA VAL B 155 -6.77 16.79 -1.31
C VAL B 155 -6.51 17.63 -2.57
N GLU B 156 -7.56 18.25 -3.10
CA GLU B 156 -7.51 19.19 -4.26
C GLU B 156 -7.63 20.62 -3.78
N GLY B 157 -8.52 20.86 -2.80
CA GLY B 157 -8.71 22.16 -2.14
C GLY B 157 -8.99 22.01 -0.65
N LEU B 158 -8.68 23.06 0.12
CA LEU B 158 -9.09 23.19 1.54
C LEU B 158 -9.64 24.60 1.79
N VAL B 159 -10.89 24.67 2.24
CA VAL B 159 -11.48 25.83 2.95
C VAL B 159 -11.31 25.55 4.44
N LEU B 160 -10.26 26.11 5.04
CA LEU B 160 -9.95 26.04 6.49
C LEU B 160 -10.53 27.26 7.21
N ILE B 161 -11.60 27.06 7.99
CA ILE B 161 -12.26 28.11 8.81
C ILE B 161 -11.71 28.04 10.24
N ASN B 162 -11.26 29.18 10.78
CA ASN B 162 -10.82 29.34 12.19
C ASN B 162 -9.76 28.30 12.53
N VAL B 163 -8.87 27.97 11.60
CA VAL B 163 -7.82 26.93 11.80
C VAL B 163 -6.77 27.45 12.79
N ASP B 164 -6.12 26.54 13.53
CA ASP B 164 -4.94 26.86 14.38
C ASP B 164 -3.89 25.77 14.23
N PRO B 165 -2.77 26.05 13.54
CA PRO B 165 -1.74 25.05 13.27
C PRO B 165 -0.70 24.86 14.39
N CYS B 166 -0.72 25.67 15.45
CA CYS B 166 0.18 25.51 16.63
C CYS B 166 -0.55 24.73 17.74
N ALA B 167 0.21 24.17 18.68
CA ALA B 167 -0.36 23.52 19.89
C ALA B 167 -0.76 24.60 20.89
N LYS B 168 -1.53 24.23 21.91
CA LYS B 168 -2.05 25.17 22.93
C LYS B 168 -0.88 25.74 23.75
N GLY B 169 -0.11 24.87 24.42
CA GLY B 169 0.97 25.25 25.36
C GLY B 169 0.51 26.35 26.32
N THR B 183 -13.40 25.49 34.04
CA THR B 183 -13.64 24.06 34.39
C THR B 183 -14.74 23.47 33.50
N ASN B 184 -15.92 24.10 33.50
CA ASN B 184 -17.14 23.66 32.77
C ASN B 184 -16.82 23.51 31.27
N VAL B 185 -17.08 22.33 30.68
CA VAL B 185 -16.67 21.98 29.29
C VAL B 185 -17.41 22.86 28.29
N VAL B 186 -18.72 23.02 28.45
CA VAL B 186 -19.58 23.81 27.50
C VAL B 186 -19.05 25.25 27.44
N ASP B 187 -18.66 25.81 28.58
CA ASP B 187 -18.14 27.21 28.67
C ASP B 187 -16.79 27.30 27.94
N ILE B 188 -15.90 26.33 28.19
CA ILE B 188 -14.58 26.23 27.50
C ILE B 188 -14.79 26.35 25.99
N ILE B 189 -15.69 25.54 25.45
CA ILE B 189 -15.92 25.37 23.98
C ILE B 189 -16.56 26.63 23.43
N LEU B 190 -17.54 27.20 24.15
CA LEU B 190 -18.18 28.50 23.81
C LEU B 190 -17.07 29.54 23.60
N ALA B 191 -16.11 29.55 24.53
CA ALA B 191 -14.96 30.49 24.57
C ALA B 191 -14.08 30.28 23.32
N HIS B 192 -13.79 29.02 22.99
CA HIS B 192 -13.01 28.62 21.78
C HIS B 192 -13.64 29.24 20.54
N HIS B 193 -14.98 29.21 20.46
CA HIS B 193 -15.79 29.59 19.26
C HIS B 193 -15.92 31.11 19.14
N PHE B 194 -16.46 31.75 20.17
CA PHE B 194 -16.99 33.14 20.10
C PHE B 194 -16.00 34.11 20.74
N GLY B 195 -15.86 35.29 20.10
CA GLY B 195 -15.10 36.45 20.61
C GLY B 195 -15.54 36.83 22.01
N GLN B 196 -14.68 37.51 22.75
CA GLN B 196 -14.95 37.89 24.17
C GLN B 196 -16.23 38.74 24.20
N GLU B 197 -16.25 39.84 23.44
CA GLU B 197 -17.40 40.78 23.34
C GLU B 197 -18.63 40.01 22.88
N GLU B 198 -18.55 39.37 21.72
CA GLU B 198 -19.60 38.45 21.20
C GLU B 198 -20.19 37.67 22.39
N LEU B 199 -19.34 36.99 23.15
CA LEU B 199 -19.70 35.99 24.20
C LEU B 199 -20.35 36.66 25.43
N GLN B 200 -19.90 37.87 25.77
CA GLN B 200 -20.44 38.66 26.91
C GLN B 200 -21.86 39.13 26.59
N ALA B 201 -22.11 39.46 25.31
CA ALA B 201 -23.41 39.93 24.78
C ALA B 201 -24.46 38.81 24.85
N ASN B 202 -24.02 37.56 24.68
CA ASN B 202 -24.82 36.31 24.87
C ASN B 202 -26.18 36.43 24.14
N LEU B 203 -26.14 36.77 22.85
CA LEU B 203 -27.34 36.96 21.98
C LEU B 203 -27.82 35.61 21.43
N ASP B 204 -28.88 35.63 20.62
CA ASP B 204 -29.55 34.42 20.06
C ASP B 204 -28.51 33.39 19.60
N LEU B 205 -27.47 33.83 18.87
CA LEU B 205 -26.42 32.92 18.34
C LEU B 205 -25.81 32.10 19.48
N ILE B 206 -25.39 32.77 20.55
CA ILE B 206 -24.57 32.16 21.64
C ILE B 206 -25.45 31.26 22.51
N GLN B 207 -26.66 31.71 22.86
CA GLN B 207 -27.59 30.93 23.72
C GLN B 207 -28.12 29.72 22.92
N THR B 208 -28.21 29.85 21.60
CA THR B 208 -28.56 28.73 20.67
C THR B 208 -27.44 27.70 20.67
N TYR B 209 -26.18 28.16 20.67
CA TYR B 209 -24.97 27.30 20.49
C TYR B 209 -24.47 26.79 21.84
N ARG B 210 -24.85 27.43 22.95
CA ARG B 210 -24.68 26.81 24.30
C ARG B 210 -25.51 25.53 24.29
N MET B 211 -26.80 25.65 23.97
CA MET B 211 -27.79 24.54 23.93
C MET B 211 -27.31 23.47 22.94
N HIS B 212 -26.82 23.88 21.77
CA HIS B 212 -26.26 22.93 20.77
C HIS B 212 -25.15 22.12 21.45
N ILE B 213 -24.09 22.80 21.91
CA ILE B 213 -22.90 22.16 22.56
C ILE B 213 -23.40 21.26 23.70
N ALA B 214 -24.36 21.77 24.47
CA ALA B 214 -24.82 21.17 25.74
C ALA B 214 -25.65 19.90 25.47
N GLN B 215 -26.59 19.94 24.51
CA GLN B 215 -27.66 18.92 24.38
C GLN B 215 -27.51 18.06 23.11
N ASP B 216 -26.85 18.55 22.05
CA ASP B 216 -26.74 17.82 20.76
C ASP B 216 -25.77 16.63 20.86
N ILE B 217 -24.65 16.82 21.58
CA ILE B 217 -23.48 15.88 21.58
C ILE B 217 -23.38 15.16 22.91
N ASN B 218 -23.09 13.86 22.88
CA ASN B 218 -22.92 13.00 24.08
C ASN B 218 -21.73 13.53 24.89
N GLN B 219 -22.01 14.07 26.07
CA GLN B 219 -21.08 14.94 26.83
C GLN B 219 -19.81 14.19 27.19
N ASP B 220 -19.91 12.91 27.61
CA ASP B 220 -18.74 12.06 27.92
C ASP B 220 -17.78 12.12 26.73
N ASN B 221 -18.29 11.83 25.54
CA ASN B 221 -17.53 11.79 24.26
C ASN B 221 -16.93 13.16 23.94
N LEU B 222 -17.70 14.24 24.16
CA LEU B 222 -17.28 15.62 23.81
C LEU B 222 -15.99 15.97 24.55
N GLN B 223 -15.89 15.62 25.84
CA GLN B 223 -14.67 15.84 26.66
C GLN B 223 -13.47 15.23 25.95
N LEU B 224 -13.57 13.93 25.60
CA LEU B 224 -12.49 13.15 24.93
C LEU B 224 -12.04 13.87 23.66
N PHE B 225 -12.98 14.37 22.86
CA PHE B 225 -12.70 15.07 21.58
C PHE B 225 -11.97 16.38 21.88
N LEU B 226 -12.47 17.14 22.86
CA LEU B 226 -11.83 18.40 23.33
C LEU B 226 -10.39 18.09 23.77
N ASN B 227 -10.20 17.02 24.55
CA ASN B 227 -8.88 16.55 25.06
C ASN B 227 -7.92 16.30 23.89
N SER B 228 -8.43 15.67 22.83
CA SER B 228 -7.65 15.31 21.61
C SER B 228 -7.22 16.59 20.89
N TYR B 229 -8.13 17.56 20.76
CA TYR B 229 -7.86 18.84 20.06
C TYR B 229 -6.89 19.72 20.87
N ASN B 230 -6.96 19.66 22.20
CA ASN B 230 -6.07 20.44 23.09
C ASN B 230 -4.67 19.79 23.15
N GLY B 231 -4.59 18.51 22.80
CA GLY B 231 -3.32 17.75 22.72
C GLY B 231 -2.66 17.88 21.35
N ARG B 232 -3.35 18.48 20.38
CA ARG B 232 -2.89 18.57 18.97
C ARG B 232 -1.44 19.06 18.97
N ARG B 233 -0.57 18.42 18.17
CA ARG B 233 0.84 18.89 18.03
C ARG B 233 0.90 19.91 16.90
N ASP B 234 2.02 20.63 16.82
CA ASP B 234 2.25 21.66 15.77
C ASP B 234 2.15 20.98 14.40
N LEU B 235 1.50 21.65 13.44
CA LEU B 235 1.36 21.07 12.08
C LEU B 235 2.76 20.89 11.47
N GLU B 236 3.63 21.87 11.72
CA GLU B 236 5.02 21.88 11.18
C GLU B 236 5.02 22.23 9.69
N ILE B 237 4.00 22.97 9.23
CA ILE B 237 4.05 23.69 7.91
C ILE B 237 5.02 24.87 8.04
N GLU B 238 5.72 25.20 6.96
CA GLU B 238 6.63 26.38 6.89
C GLU B 238 6.67 26.89 5.45
N ARG B 239 6.37 28.18 5.26
CA ARG B 239 6.36 28.85 3.93
C ARG B 239 7.68 28.56 3.21
N PRO B 240 7.65 28.12 1.93
CA PRO B 240 8.88 27.93 1.17
C PRO B 240 9.46 29.26 0.67
N ILE B 241 10.79 29.37 0.64
CA ILE B 241 11.55 30.50 0.02
C ILE B 241 11.83 30.10 -1.43
N LEU B 242 11.42 30.92 -2.41
CA LEU B 242 11.51 30.58 -3.86
C LEU B 242 12.96 30.25 -4.24
N GLY B 243 13.96 30.77 -3.50
CA GLY B 243 15.39 30.48 -3.81
C GLY B 243 15.93 29.21 -3.13
N GLN B 244 15.82 29.11 -1.80
CA GLN B 244 16.20 27.90 -1.02
C GLN B 244 15.28 26.75 -1.46
N ASN B 245 15.84 25.56 -1.72
CA ASN B 245 15.07 24.36 -2.13
C ASN B 245 14.07 23.98 -1.02
N ASP B 246 14.50 24.10 0.24
CA ASP B 246 13.70 23.90 1.47
C ASP B 246 13.14 22.47 1.52
N ASN B 247 14.01 21.46 1.54
CA ASN B 247 13.62 20.02 1.56
C ASN B 247 12.98 19.68 2.91
N LYS B 248 13.60 20.11 4.01
CA LYS B 248 13.17 19.84 5.41
C LYS B 248 11.77 20.40 5.66
N SER B 249 11.51 21.64 5.21
CA SER B 249 10.21 22.36 5.40
C SER B 249 9.14 21.70 4.52
N LYS B 250 7.93 21.50 5.07
CA LYS B 250 6.80 20.84 4.35
C LYS B 250 5.56 21.72 4.47
N THR B 251 4.89 21.99 3.35
CA THR B 251 3.65 22.82 3.29
C THR B 251 2.58 22.08 2.49
N LEU B 252 1.31 22.45 2.72
CA LEU B 252 0.15 21.99 1.91
C LEU B 252 0.47 22.23 0.44
N LYS B 253 0.19 21.25 -0.43
CA LYS B 253 0.49 21.32 -1.88
C LYS B 253 -0.79 21.66 -2.68
N CYS B 254 -1.92 21.83 -1.98
CA CYS B 254 -3.24 22.10 -2.60
C CYS B 254 -3.56 23.59 -2.52
N SER B 255 -4.60 24.02 -3.24
CA SER B 255 -5.15 25.41 -3.17
C SER B 255 -5.95 25.55 -1.87
N THR B 256 -5.69 26.62 -1.11
CA THR B 256 -6.20 26.82 0.28
C THR B 256 -6.88 28.19 0.39
N LEU B 257 -8.08 28.22 1.00
CA LEU B 257 -8.81 29.46 1.37
C LEU B 257 -8.95 29.52 2.89
N LEU B 258 -8.02 30.21 3.57
CA LEU B 258 -8.11 30.48 5.03
C LEU B 258 -9.24 31.48 5.29
N VAL B 259 -10.16 31.15 6.19
CA VAL B 259 -11.34 32.00 6.52
C VAL B 259 -11.40 32.21 8.04
N VAL B 260 -11.57 33.47 8.46
CA VAL B 260 -11.78 33.85 9.89
C VAL B 260 -12.63 35.12 9.93
N GLY B 261 -13.43 35.29 10.98
CA GLY B 261 -14.20 36.53 11.24
C GLY B 261 -13.35 37.53 12.00
N ASP B 262 -13.48 38.85 11.73
CA ASP B 262 -12.56 39.88 12.28
C ASP B 262 -12.50 39.78 13.81
N ASN B 263 -13.55 39.24 14.44
CA ASN B 263 -13.70 39.20 15.92
C ASN B 263 -13.46 37.79 16.48
N SER B 264 -13.24 36.79 15.62
CA SER B 264 -12.94 35.40 16.07
C SER B 264 -11.69 35.43 16.94
N PRO B 265 -11.66 34.71 18.09
CA PRO B 265 -10.43 34.54 18.85
C PRO B 265 -9.33 33.88 18.00
N ALA B 266 -9.74 33.18 16.94
CA ALA B 266 -8.85 32.43 16.01
C ALA B 266 -7.94 33.37 15.22
N VAL B 267 -8.35 34.62 14.98
CA VAL B 267 -7.73 35.50 13.94
C VAL B 267 -6.19 35.43 14.04
N GLU B 268 -5.63 35.56 15.23
CA GLU B 268 -4.17 35.56 15.46
C GLU B 268 -3.54 34.28 14.87
N ALA B 269 -4.16 33.12 15.18
CA ALA B 269 -3.75 31.78 14.71
C ALA B 269 -3.95 31.65 13.19
N VAL B 270 -5.11 32.05 12.67
CA VAL B 270 -5.43 31.93 11.22
C VAL B 270 -4.41 32.72 10.39
N VAL B 271 -4.04 33.92 10.85
CA VAL B 271 -3.02 34.78 10.17
C VAL B 271 -1.64 34.10 10.30
N GLU B 272 -1.37 33.51 11.46
CA GLU B 272 -0.16 32.70 11.72
C GLU B 272 -0.09 31.61 10.65
N CYS B 273 -1.16 30.82 10.54
CA CYS B 273 -1.28 29.74 9.51
C CYS B 273 -0.88 30.32 8.15
N ASN B 274 -1.58 31.37 7.69
CA ASN B 274 -1.35 32.03 6.37
C ASN B 274 0.14 32.32 6.19
N SER B 275 0.80 32.84 7.24
CA SER B 275 2.23 33.24 7.20
C SER B 275 3.14 32.02 6.95
N ARG B 276 2.62 30.81 7.12
CA ARG B 276 3.39 29.53 7.06
C ARG B 276 2.93 28.65 5.88
N LEU B 277 2.05 29.16 5.02
CA LEU B 277 1.59 28.46 3.80
C LEU B 277 2.15 29.18 2.57
N ASN B 278 2.09 28.52 1.41
CA ASN B 278 2.61 29.04 0.12
C ASN B 278 1.64 30.10 -0.40
N PRO B 279 2.04 31.38 -0.50
CA PRO B 279 1.14 32.45 -0.94
C PRO B 279 0.59 32.27 -2.37
N ILE B 280 1.29 31.52 -3.21
CA ILE B 280 0.84 31.27 -4.62
C ILE B 280 -0.38 30.34 -4.60
N ASN B 281 -0.56 29.52 -3.55
CA ASN B 281 -1.67 28.54 -3.42
C ASN B 281 -2.60 28.87 -2.25
N THR B 282 -2.49 30.07 -1.67
CA THR B 282 -3.20 30.43 -0.40
C THR B 282 -3.85 31.81 -0.53
N THR B 283 -5.06 31.94 0.03
CA THR B 283 -5.75 33.24 0.24
C THR B 283 -6.28 33.31 1.67
N LEU B 284 -6.00 34.41 2.38
CA LEU B 284 -6.63 34.74 3.70
C LEU B 284 -7.88 35.59 3.44
N LEU B 285 -8.99 35.20 4.06
CA LEU B 285 -10.29 35.91 3.99
C LEU B 285 -10.71 36.28 5.42
N LYS B 286 -10.46 37.52 5.82
CA LYS B 286 -11.00 38.11 7.07
C LYS B 286 -12.40 38.65 6.77
N MET B 287 -13.43 38.12 7.42
CA MET B 287 -14.84 38.45 7.13
C MET B 287 -15.29 39.61 8.03
N ALA B 288 -15.79 40.69 7.43
CA ALA B 288 -16.17 41.94 8.11
C ALA B 288 -17.33 41.70 9.07
N ASP B 289 -17.34 42.38 10.22
CA ASP B 289 -18.43 42.38 11.23
C ASP B 289 -18.87 40.94 11.49
N CYS B 290 -17.93 40.11 11.95
CA CYS B 290 -18.10 38.64 12.09
C CYS B 290 -17.22 38.10 13.23
N GLY B 291 -17.71 37.13 13.97
CA GLY B 291 -16.99 36.47 15.08
C GLY B 291 -16.82 34.98 14.85
N GLY B 292 -17.27 34.17 15.80
CA GLY B 292 -17.33 32.70 15.64
C GLY B 292 -18.32 32.33 14.54
N LEU B 293 -18.11 31.17 13.92
CA LEU B 293 -19.04 30.51 12.96
C LEU B 293 -19.38 31.46 11.81
N PRO B 294 -18.37 31.96 11.06
CA PRO B 294 -18.63 32.71 9.82
C PRO B 294 -19.62 32.02 8.87
N GLN B 295 -19.52 30.70 8.72
CA GLN B 295 -20.33 29.87 7.79
C GLN B 295 -21.82 29.94 8.18
N VAL B 296 -22.11 30.22 9.45
CA VAL B 296 -23.51 30.33 9.97
C VAL B 296 -23.92 31.81 9.90
N VAL B 297 -23.13 32.69 10.51
CA VAL B 297 -23.44 34.15 10.62
C VAL B 297 -23.57 34.76 9.22
N GLN B 298 -22.61 34.49 8.32
CA GLN B 298 -22.54 35.09 6.96
C GLN B 298 -22.35 34.01 5.91
N PRO B 299 -23.39 33.18 5.62
CA PRO B 299 -23.31 32.18 4.55
C PRO B 299 -23.25 32.83 3.15
N GLY B 300 -23.98 33.93 2.97
CA GLY B 300 -24.02 34.69 1.70
C GLY B 300 -22.63 35.04 1.22
N LYS B 301 -21.83 35.65 2.09
CA LYS B 301 -20.44 36.09 1.80
C LYS B 301 -19.56 34.85 1.55
N LEU B 302 -19.54 33.90 2.50
CA LEU B 302 -18.63 32.72 2.48
C LEU B 302 -18.94 31.84 1.25
N THR B 303 -20.21 31.67 0.90
CA THR B 303 -20.66 30.97 -0.33
C THR B 303 -19.90 31.57 -1.52
N GLU B 304 -20.07 32.88 -1.73
CA GLU B 304 -19.49 33.62 -2.87
C GLU B 304 -17.99 33.33 -2.88
N ALA B 305 -17.29 33.53 -1.75
CA ALA B 305 -15.85 33.22 -1.60
C ALA B 305 -15.57 31.82 -2.14
N PHE B 306 -16.30 30.82 -1.63
CA PHE B 306 -16.14 29.37 -1.95
C PHE B 306 -16.36 29.15 -3.46
N LYS B 307 -17.34 29.86 -4.05
CA LYS B 307 -17.64 29.74 -5.50
C LYS B 307 -16.44 30.19 -6.35
N TYR B 308 -15.83 31.32 -5.98
CA TYR B 308 -14.65 31.89 -6.67
C TYR B 308 -13.43 30.99 -6.45
N PHE B 309 -13.34 30.36 -5.27
CA PHE B 309 -12.23 29.45 -4.89
C PHE B 309 -12.30 28.19 -5.76
N LEU B 310 -13.51 27.68 -5.95
CA LEU B 310 -13.80 26.51 -6.84
C LEU B 310 -13.49 26.89 -8.30
N GLN B 311 -13.95 28.06 -8.75
CA GLN B 311 -13.68 28.61 -10.11
C GLN B 311 -12.16 28.74 -10.35
N GLY B 312 -11.39 29.03 -9.30
CA GLY B 312 -9.91 29.09 -9.37
C GLY B 312 -9.33 27.78 -9.84
N MET B 313 -9.85 26.67 -9.31
CA MET B 313 -9.39 25.28 -9.61
C MET B 313 -10.06 24.77 -10.89
N GLY B 314 -11.08 25.50 -11.40
CA GLY B 314 -11.66 25.31 -12.74
C GLY B 314 -13.07 24.75 -12.68
N TYR B 315 -13.60 24.44 -11.50
CA TYR B 315 -14.95 23.85 -11.30
C TYR B 315 -16.02 24.94 -11.38
N ILE B 316 -17.30 24.54 -11.37
CA ILE B 316 -18.49 25.44 -11.44
C ILE B 316 -18.20 26.59 -12.41
N PRO B 317 -17.89 26.29 -13.68
CA PRO B 317 -17.64 27.35 -14.66
C PRO B 317 -18.92 28.07 -15.11
N ASP C 29 16.19 -14.61 14.41
CA ASP C 29 14.84 -15.24 14.50
C ASP C 29 14.01 -14.88 13.26
N SER C 30 14.06 -13.61 12.84
CA SER C 30 13.45 -13.08 11.59
C SER C 30 14.44 -12.14 10.88
N GLN C 31 14.27 -11.97 9.58
CA GLN C 31 15.19 -11.16 8.72
C GLN C 31 14.43 -10.76 7.44
N GLU C 32 14.32 -9.46 7.18
CA GLU C 32 13.67 -8.91 5.96
C GLU C 32 14.73 -8.67 4.89
N HIS C 33 14.33 -8.79 3.63
CA HIS C 33 15.14 -8.48 2.42
C HIS C 33 14.24 -7.84 1.36
N ASP C 34 14.69 -6.76 0.75
CA ASP C 34 14.14 -6.25 -0.54
C ASP C 34 15.03 -6.81 -1.66
N ILE C 35 14.50 -7.74 -2.45
CA ILE C 35 15.29 -8.49 -3.48
C ILE C 35 15.02 -7.89 -4.85
N GLU C 36 16.09 -7.50 -5.56
CA GLU C 36 16.05 -6.88 -6.90
C GLU C 36 15.90 -8.00 -7.95
N THR C 37 14.88 -7.89 -8.82
CA THR C 37 14.64 -8.81 -9.97
C THR C 37 14.40 -7.97 -11.23
N THR C 38 14.48 -8.61 -12.40
CA THR C 38 14.31 -7.98 -13.75
C THR C 38 12.91 -7.35 -13.85
N HIS C 39 11.95 -7.79 -13.04
CA HIS C 39 10.54 -7.31 -13.05
C HIS C 39 10.23 -6.44 -11.83
N GLY C 40 11.27 -6.01 -11.09
CA GLY C 40 11.15 -5.06 -9.97
C GLY C 40 11.55 -5.67 -8.64
N VAL C 41 11.50 -4.89 -7.56
CA VAL C 41 11.83 -5.36 -6.19
C VAL C 41 10.67 -6.23 -5.73
N VAL C 42 10.97 -7.26 -4.93
CA VAL C 42 9.98 -8.09 -4.19
C VAL C 42 10.45 -8.18 -2.74
N HIS C 43 9.58 -7.84 -1.79
CA HIS C 43 9.83 -7.94 -0.33
C HIS C 43 9.61 -9.39 0.12
N VAL C 44 10.55 -9.93 0.91
CA VAL C 44 10.45 -11.30 1.51
C VAL C 44 10.93 -11.23 2.96
N THR C 45 10.43 -12.14 3.81
CA THR C 45 10.75 -12.21 5.26
C THR C 45 11.12 -13.66 5.61
N ILE C 46 12.38 -13.91 6.01
CA ILE C 46 12.87 -15.25 6.43
C ILE C 46 12.83 -15.37 7.94
N ARG C 47 11.81 -16.03 8.48
CA ARG C 47 11.66 -16.34 9.93
C ARG C 47 12.16 -17.77 10.19
N GLY C 48 13.34 -17.90 10.80
CA GLY C 48 13.99 -19.19 11.06
C GLY C 48 15.24 -19.36 10.22
N LEU C 49 16.16 -20.22 10.67
CA LEU C 49 17.55 -20.35 10.15
C LEU C 49 17.58 -21.42 9.06
N PRO C 50 17.98 -21.06 7.81
CA PRO C 50 18.00 -22.02 6.70
C PRO C 50 19.00 -23.17 6.93
N LYS C 51 18.67 -24.37 6.43
CA LYS C 51 19.43 -25.62 6.66
C LYS C 51 20.18 -26.02 5.38
N GLY C 52 21.15 -26.93 5.50
CA GLY C 52 22.06 -27.34 4.40
C GLY C 52 21.31 -28.00 3.27
N ASN C 53 20.65 -29.13 3.54
CA ASN C 53 19.93 -29.98 2.55
C ASN C 53 18.43 -29.65 2.55
N ARG C 54 17.88 -29.25 3.70
CA ARG C 54 16.41 -29.09 3.93
C ARG C 54 15.89 -27.94 3.06
N PRO C 55 14.72 -28.07 2.40
CA PRO C 55 14.12 -26.95 1.69
C PRO C 55 13.47 -26.01 2.71
N VAL C 56 13.25 -24.75 2.32
CA VAL C 56 12.50 -23.77 3.16
C VAL C 56 11.02 -23.82 2.75
N ILE C 57 10.13 -23.62 3.71
CA ILE C 57 8.67 -23.43 3.45
C ILE C 57 8.49 -22.01 2.92
N LEU C 58 8.23 -21.85 1.62
CA LEU C 58 8.11 -20.53 0.96
C LEU C 58 6.64 -20.19 0.72
N THR C 59 6.26 -18.96 1.02
CA THR C 59 4.86 -18.48 1.09
C THR C 59 4.61 -17.50 -0.07
N TYR C 60 3.43 -17.55 -0.70
CA TYR C 60 2.92 -16.48 -1.59
C TYR C 60 1.43 -16.26 -1.28
N HIS C 61 1.11 -15.07 -0.75
CA HIS C 61 -0.26 -14.66 -0.34
C HIS C 61 -1.14 -14.40 -1.56
N ASP C 62 -2.44 -14.17 -1.31
CA ASP C 62 -3.48 -13.91 -2.35
C ASP C 62 -3.63 -12.39 -2.56
N ILE C 63 -4.54 -12.01 -3.47
CA ILE C 63 -4.89 -10.58 -3.78
C ILE C 63 -5.52 -9.92 -2.55
N GLY C 64 -5.11 -8.68 -2.24
CA GLY C 64 -5.72 -7.86 -1.17
C GLY C 64 -5.23 -8.21 0.22
N LEU C 65 -4.36 -9.22 0.34
CA LEU C 65 -3.64 -9.55 1.61
C LEU C 65 -2.16 -9.19 1.47
N ASN C 66 -1.41 -9.35 2.55
CA ASN C 66 0.07 -9.49 2.56
C ASN C 66 0.38 -10.74 3.38
N HIS C 67 1.66 -11.08 3.55
CA HIS C 67 2.09 -12.34 4.22
C HIS C 67 1.49 -12.39 5.63
N LYS C 68 1.45 -11.25 6.30
CA LYS C 68 0.90 -11.12 7.67
C LYS C 68 -0.58 -11.53 7.66
N SER C 69 -1.41 -10.80 6.90
CA SER C 69 -2.87 -11.05 6.72
C SER C 69 -3.14 -12.54 6.51
N CYS C 70 -2.36 -13.17 5.64
CA CYS C 70 -2.67 -14.49 5.05
C CYS C 70 -2.14 -15.61 5.96
N PHE C 71 -0.84 -15.63 6.26
CA PHE C 71 -0.14 -16.79 6.86
C PHE C 71 0.16 -16.56 8.35
N ASN C 72 0.57 -15.35 8.74
CA ASN C 72 1.21 -15.11 10.06
C ASN C 72 0.40 -15.79 11.18
N ALA C 73 -0.93 -15.75 11.10
CA ALA C 73 -1.84 -16.36 12.10
C ALA C 73 -1.64 -17.88 12.10
N PHE C 74 -1.80 -18.50 10.94
CA PHE C 74 -1.70 -19.97 10.76
C PHE C 74 -0.30 -20.43 11.19
N PHE C 75 0.78 -19.82 10.67
CA PHE C 75 2.18 -20.27 10.89
C PHE C 75 2.62 -20.11 12.35
N ASN C 76 1.89 -19.33 13.14
CA ASN C 76 2.18 -19.12 14.59
C ASN C 76 1.46 -20.19 15.42
N PHE C 77 0.38 -20.76 14.89
CA PHE C 77 -0.47 -21.79 15.54
C PHE C 77 0.41 -22.85 16.23
N GLU C 78 0.05 -23.20 17.46
CA GLU C 78 0.88 -24.02 18.40
C GLU C 78 1.50 -25.21 17.67
N ASP C 79 0.68 -25.97 16.96
CA ASP C 79 1.06 -27.26 16.32
C ASP C 79 2.01 -26.96 15.15
N MET C 80 1.65 -26.01 14.29
CA MET C 80 2.44 -25.59 13.09
C MET C 80 3.83 -25.11 13.53
N GLN C 81 3.97 -24.59 14.77
CA GLN C 81 5.25 -24.05 15.30
C GLN C 81 6.30 -25.17 15.41
N GLU C 82 5.86 -26.39 15.71
CA GLU C 82 6.75 -27.58 15.85
C GLU C 82 7.26 -28.02 14.48
N ILE C 83 6.52 -27.72 13.41
CA ILE C 83 6.91 -27.95 11.98
C ILE C 83 7.91 -26.85 11.56
N THR C 84 7.49 -25.59 11.66
CA THR C 84 8.29 -24.38 11.31
C THR C 84 9.61 -24.34 12.10
N GLN C 85 9.70 -25.12 13.19
CA GLN C 85 10.95 -25.33 13.97
C GLN C 85 12.02 -25.93 13.07
N HIS C 86 11.71 -27.06 12.41
CA HIS C 86 12.67 -27.89 11.64
C HIS C 86 13.02 -27.20 10.31
N PHE C 87 12.05 -26.54 9.67
CA PHE C 87 12.25 -25.77 8.41
C PHE C 87 12.46 -24.29 8.71
N ALA C 88 13.21 -23.59 7.87
CA ALA C 88 13.17 -22.11 7.76
C ALA C 88 11.91 -21.74 6.98
N VAL C 89 11.31 -20.59 7.26
CA VAL C 89 10.12 -20.08 6.52
C VAL C 89 10.54 -18.82 5.77
N CYS C 90 10.21 -18.72 4.48
CA CYS C 90 10.48 -17.55 3.61
C CYS C 90 9.16 -16.99 3.08
N HIS C 91 8.59 -16.00 3.76
CA HIS C 91 7.36 -15.30 3.34
C HIS C 91 7.70 -14.38 2.16
N VAL C 92 7.04 -14.55 1.01
CA VAL C 92 7.09 -13.59 -0.12
C VAL C 92 5.87 -12.67 0.03
N ASP C 93 6.08 -11.37 -0.24
CA ASP C 93 5.03 -10.33 -0.42
C ASP C 93 5.01 -9.91 -1.90
N ALA C 94 3.87 -10.07 -2.58
CA ALA C 94 3.64 -9.65 -3.98
C ALA C 94 4.00 -8.18 -4.16
N PRO C 95 4.70 -7.78 -5.24
CA PRO C 95 5.12 -6.38 -5.42
C PRO C 95 4.07 -5.34 -5.00
N GLY C 96 4.49 -4.39 -4.17
CA GLY C 96 3.66 -3.24 -3.76
C GLY C 96 2.59 -3.60 -2.75
N GLN C 97 2.47 -4.88 -2.38
CA GLN C 97 1.43 -5.35 -1.43
C GLN C 97 2.00 -5.35 0.00
N GLN C 98 3.32 -5.48 0.17
CA GLN C 98 3.96 -5.48 1.50
C GLN C 98 3.50 -4.25 2.29
N GLU C 99 3.59 -4.34 3.62
CA GLU C 99 3.25 -3.26 4.58
C GLU C 99 4.08 -2.00 4.26
N GLY C 100 3.42 -0.83 4.29
CA GLY C 100 4.05 0.49 4.12
C GLY C 100 4.59 0.73 2.73
N ALA C 101 4.21 -0.08 1.75
CA ALA C 101 4.72 0.00 0.35
C ALA C 101 4.32 1.34 -0.25
N PRO C 102 5.21 1.98 -1.04
CA PRO C 102 4.83 3.18 -1.78
C PRO C 102 3.99 2.83 -3.02
N SER C 103 3.13 3.77 -3.46
CA SER C 103 2.36 3.67 -4.70
C SER C 103 3.34 3.60 -5.86
N PHE C 104 3.06 2.76 -6.86
CA PHE C 104 3.77 2.76 -8.17
C PHE C 104 3.27 3.98 -8.94
N PRO C 105 4.07 4.58 -9.85
CA PRO C 105 3.59 5.67 -10.70
C PRO C 105 2.35 5.19 -11.46
N THR C 106 1.51 6.09 -11.98
CA THR C 106 0.24 5.71 -12.68
C THR C 106 0.54 4.85 -13.92
N GLY C 107 1.58 5.21 -14.68
CA GLY C 107 1.95 4.52 -15.93
C GLY C 107 2.59 3.15 -15.71
N TYR C 108 2.84 2.77 -14.45
CA TYR C 108 3.64 1.59 -14.07
C TYR C 108 3.07 0.35 -14.75
N GLN C 109 3.95 -0.46 -15.31
CA GLN C 109 3.65 -1.78 -15.95
C GLN C 109 3.82 -2.88 -14.89
N TYR C 110 2.76 -3.18 -14.14
CA TYR C 110 2.79 -4.16 -13.02
C TYR C 110 2.99 -5.56 -13.60
N PRO C 111 3.91 -6.39 -13.02
CA PRO C 111 4.16 -7.72 -13.56
C PRO C 111 2.89 -8.54 -13.82
N THR C 112 2.88 -9.25 -14.95
CA THR C 112 1.89 -10.30 -15.30
C THR C 112 2.08 -11.49 -14.36
N MET C 113 1.05 -12.31 -14.14
CA MET C 113 1.13 -13.45 -13.19
C MET C 113 2.34 -14.31 -13.55
N ASP C 114 2.49 -14.61 -14.86
CA ASP C 114 3.64 -15.37 -15.42
C ASP C 114 4.95 -14.70 -14.99
N GLU C 115 5.05 -13.38 -15.12
CA GLU C 115 6.25 -12.60 -14.68
C GLU C 115 6.43 -12.76 -13.17
N LEU C 116 5.35 -12.64 -12.39
CA LEU C 116 5.40 -12.65 -10.90
C LEU C 116 6.07 -13.95 -10.41
N ALA C 117 5.86 -15.04 -11.14
CA ALA C 117 6.46 -16.36 -10.87
C ALA C 117 7.95 -16.36 -11.24
N GLU C 118 8.33 -15.58 -12.26
CA GLU C 118 9.73 -15.47 -12.75
C GLU C 118 10.60 -14.68 -11.76
N MET C 119 9.98 -14.12 -10.71
CA MET C 119 10.69 -13.35 -9.65
C MET C 119 11.25 -14.31 -8.59
N LEU C 120 10.72 -15.53 -8.52
CA LEU C 120 10.99 -16.45 -7.38
C LEU C 120 12.39 -17.07 -7.48
N PRO C 121 12.86 -17.55 -8.66
CA PRO C 121 14.24 -18.03 -8.77
C PRO C 121 15.28 -17.00 -8.29
N PRO C 122 15.20 -15.71 -8.68
CA PRO C 122 16.06 -14.68 -8.09
C PRO C 122 16.05 -14.57 -6.57
N VAL C 123 14.87 -14.71 -5.95
CA VAL C 123 14.69 -14.76 -4.47
C VAL C 123 15.56 -15.89 -3.92
N LEU C 124 15.26 -17.11 -4.34
CA LEU C 124 15.96 -18.36 -3.92
C LEU C 124 17.47 -18.19 -4.09
N THR C 125 17.91 -17.67 -5.26
CA THR C 125 19.35 -17.55 -5.62
C THR C 125 20.04 -16.63 -4.63
N HIS C 126 19.41 -15.51 -4.30
CA HIS C 126 19.96 -14.44 -3.43
C HIS C 126 20.10 -14.96 -1.99
N LEU C 127 19.13 -15.75 -1.53
CA LEU C 127 19.11 -16.32 -0.14
C LEU C 127 19.84 -17.67 -0.10
N SER C 128 20.44 -18.10 -1.22
CA SER C 128 21.23 -19.35 -1.39
C SER C 128 20.36 -20.58 -1.11
N LEU C 129 19.05 -20.50 -1.38
CA LEU C 129 18.09 -21.62 -1.16
C LEU C 129 18.08 -22.53 -2.39
N LYS C 130 18.19 -23.83 -2.15
CA LYS C 130 18.34 -24.86 -3.22
C LYS C 130 16.96 -25.27 -3.73
N SER C 131 15.97 -25.35 -2.85
CA SER C 131 14.60 -25.82 -3.15
C SER C 131 13.61 -25.34 -2.09
N ILE C 132 12.31 -25.40 -2.40
CA ILE C 132 11.21 -24.93 -1.49
C ILE C 132 10.08 -25.94 -1.42
N ILE C 133 9.31 -25.85 -0.33
CA ILE C 133 7.93 -26.38 -0.19
C ILE C 133 6.99 -25.18 -0.19
N GLY C 134 6.35 -24.89 -1.32
CA GLY C 134 5.47 -23.73 -1.49
C GLY C 134 4.13 -23.89 -0.79
N ILE C 135 3.64 -22.83 -0.13
CA ILE C 135 2.22 -22.70 0.31
C ILE C 135 1.67 -21.40 -0.33
N GLY C 136 0.69 -21.55 -1.22
CA GLY C 136 0.05 -20.43 -1.93
C GLY C 136 -1.44 -20.35 -1.63
N VAL C 137 -1.99 -19.13 -1.62
CA VAL C 137 -3.47 -18.89 -1.61
C VAL C 137 -3.84 -18.08 -2.85
N GLY C 138 -4.77 -18.62 -3.65
CA GLY C 138 -5.32 -18.02 -4.88
C GLY C 138 -4.21 -17.59 -5.83
N ALA C 139 -4.06 -16.30 -6.05
CA ALA C 139 -2.98 -15.73 -6.89
C ALA C 139 -1.65 -16.37 -6.49
N GLY C 140 -1.44 -16.57 -5.19
CA GLY C 140 -0.22 -17.20 -4.63
C GLY C 140 -0.05 -18.61 -5.15
N ALA C 141 -1.12 -19.40 -5.10
CA ALA C 141 -1.15 -20.81 -5.56
C ALA C 141 -0.86 -20.89 -7.06
N TYR C 142 -1.46 -20.01 -7.87
CA TYR C 142 -1.23 -19.91 -9.33
C TYR C 142 0.24 -19.54 -9.59
N ILE C 143 0.76 -18.54 -8.87
CA ILE C 143 2.16 -18.06 -9.04
C ILE C 143 3.12 -19.21 -8.73
N LEU C 144 2.99 -19.84 -7.56
CA LEU C 144 3.85 -20.98 -7.12
C LEU C 144 3.72 -22.14 -8.12
N SER C 145 2.50 -22.43 -8.59
CA SER C 145 2.21 -23.52 -9.55
C SER C 145 2.94 -23.25 -10.87
N ARG C 146 2.74 -22.06 -11.46
CA ARG C 146 3.47 -21.63 -12.69
C ARG C 146 4.97 -21.75 -12.41
N PHE C 147 5.40 -21.38 -11.21
CA PHE C 147 6.83 -21.44 -10.80
C PHE C 147 7.30 -22.88 -10.97
N ALA C 148 6.58 -23.82 -10.37
CA ALA C 148 6.90 -25.27 -10.37
C ALA C 148 7.05 -25.77 -11.81
N LEU C 149 6.08 -25.44 -12.68
CA LEU C 149 6.11 -25.84 -14.11
C LEU C 149 7.38 -25.30 -14.78
N ASN C 150 7.75 -24.05 -14.48
CA ASN C 150 8.91 -23.34 -15.09
C ASN C 150 10.21 -23.89 -14.49
N HIS C 151 10.21 -24.20 -13.20
CA HIS C 151 11.40 -24.71 -12.45
C HIS C 151 10.98 -25.80 -11.48
N PRO C 152 10.73 -27.04 -11.95
CA PRO C 152 10.35 -28.14 -11.05
C PRO C 152 11.49 -28.70 -10.20
N GLU C 153 12.75 -28.33 -10.52
CA GLU C 153 13.95 -28.71 -9.74
C GLU C 153 13.99 -27.95 -8.40
N LEU C 154 13.35 -26.77 -8.35
CA LEU C 154 13.35 -25.88 -7.16
C LEU C 154 12.13 -26.20 -6.27
N VAL C 155 11.04 -26.70 -6.85
CA VAL C 155 9.79 -27.04 -6.10
C VAL C 155 9.81 -28.53 -5.73
N GLU C 156 9.66 -28.83 -4.44
CA GLU C 156 9.61 -30.22 -3.89
C GLU C 156 8.18 -30.57 -3.47
N GLY C 157 7.36 -29.57 -3.16
CA GLY C 157 5.98 -29.75 -2.68
C GLY C 157 5.18 -28.47 -2.76
N LEU C 158 3.89 -28.58 -3.02
CA LEU C 158 2.99 -27.40 -3.10
C LEU C 158 1.69 -27.69 -2.33
N VAL C 159 1.45 -26.90 -1.29
CA VAL C 159 0.09 -26.74 -0.69
C VAL C 159 -0.55 -25.56 -1.43
N LEU C 160 -1.54 -25.85 -2.29
CA LEU C 160 -2.23 -24.83 -3.11
C LEU C 160 -3.64 -24.59 -2.56
N ILE C 161 -3.79 -23.55 -1.74
CA ILE C 161 -5.08 -23.16 -1.10
C ILE C 161 -5.87 -22.29 -2.08
N ASN C 162 -7.15 -22.64 -2.29
CA ASN C 162 -8.14 -21.88 -3.09
C ASN C 162 -7.58 -21.59 -4.49
N VAL C 163 -6.83 -22.53 -5.08
CA VAL C 163 -6.14 -22.33 -6.39
C VAL C 163 -7.17 -22.36 -7.53
N ASP C 164 -6.93 -21.57 -8.59
CA ASP C 164 -7.74 -21.54 -9.83
C ASP C 164 -6.78 -21.58 -11.01
N PRO C 165 -6.70 -22.71 -11.75
CA PRO C 165 -5.77 -22.83 -12.87
C PRO C 165 -6.31 -22.20 -14.16
N CYS C 166 -7.63 -22.00 -14.26
CA CYS C 166 -8.33 -21.40 -15.42
C CYS C 166 -8.41 -19.87 -15.27
N ALA C 167 -8.39 -19.14 -16.39
CA ALA C 167 -8.56 -17.67 -16.45
C ALA C 167 -10.00 -17.30 -16.09
N LYS C 168 -10.29 -16.01 -15.90
CA LYS C 168 -11.64 -15.50 -15.54
C LYS C 168 -12.53 -15.58 -16.79
N GLY C 169 -13.84 -15.39 -16.65
CA GLY C 169 -14.78 -15.23 -17.79
C GLY C 169 -14.48 -13.94 -18.56
N THR C 183 -17.92 -2.81 -8.67
CA THR C 183 -16.88 -1.79 -8.97
C THR C 183 -15.90 -1.66 -7.80
N ASN C 184 -16.42 -1.49 -6.57
CA ASN C 184 -15.64 -1.20 -5.32
C ASN C 184 -14.62 -2.31 -5.02
N VAL C 185 -13.33 -1.98 -5.03
CA VAL C 185 -12.17 -2.94 -4.97
C VAL C 185 -12.28 -3.84 -3.73
N VAL C 186 -12.54 -3.27 -2.56
CA VAL C 186 -12.60 -4.03 -1.28
C VAL C 186 -13.68 -5.10 -1.42
N ASP C 187 -14.88 -4.69 -1.84
CA ASP C 187 -16.05 -5.58 -2.07
C ASP C 187 -15.68 -6.72 -3.04
N ILE C 188 -14.97 -6.39 -4.13
CA ILE C 188 -14.48 -7.39 -5.11
C ILE C 188 -13.67 -8.45 -4.37
N ILE C 189 -12.65 -8.02 -3.63
CA ILE C 189 -11.63 -8.93 -3.03
C ILE C 189 -12.27 -9.71 -1.87
N LEU C 190 -13.18 -9.09 -1.12
CA LEU C 190 -13.97 -9.77 -0.06
C LEU C 190 -14.76 -10.91 -0.70
N ALA C 191 -15.42 -10.64 -1.82
CA ALA C 191 -16.18 -11.63 -2.63
C ALA C 191 -15.26 -12.77 -3.04
N HIS C 192 -14.09 -12.44 -3.59
CA HIS C 192 -13.06 -13.40 -4.09
C HIS C 192 -12.66 -14.40 -2.99
N HIS C 193 -12.66 -13.97 -1.72
CA HIS C 193 -12.12 -14.76 -0.58
C HIS C 193 -13.23 -15.63 0.04
N PHE C 194 -14.37 -15.02 0.37
CA PHE C 194 -15.39 -15.57 1.30
C PHE C 194 -16.64 -16.01 0.54
N GLY C 195 -17.35 -16.98 1.12
CA GLY C 195 -18.65 -17.48 0.62
C GLY C 195 -19.73 -16.41 0.70
N GLN C 196 -20.81 -16.57 -0.07
CA GLN C 196 -21.95 -15.60 -0.12
C GLN C 196 -22.57 -15.46 1.27
N GLU C 197 -22.84 -16.59 1.94
CA GLU C 197 -23.46 -16.64 3.29
C GLU C 197 -22.49 -16.09 4.34
N GLU C 198 -21.24 -16.56 4.31
CA GLU C 198 -20.10 -16.07 5.13
C GLU C 198 -20.06 -14.54 5.13
N LEU C 199 -20.14 -13.93 3.94
CA LEU C 199 -20.04 -12.46 3.72
C LEU C 199 -21.29 -11.77 4.28
N GLN C 200 -22.48 -12.29 3.97
CA GLN C 200 -23.78 -11.72 4.39
C GLN C 200 -23.81 -11.65 5.92
N ALA C 201 -23.36 -12.72 6.58
CA ALA C 201 -23.24 -12.83 8.06
C ALA C 201 -22.40 -11.65 8.58
N ASN C 202 -21.29 -11.35 7.90
CA ASN C 202 -20.41 -10.17 8.16
C ASN C 202 -19.98 -10.20 9.63
N LEU C 203 -19.39 -11.31 10.06
CA LEU C 203 -18.91 -11.52 11.46
C LEU C 203 -17.49 -10.96 11.59
N ASP C 204 -16.85 -11.18 12.75
CA ASP C 204 -15.52 -10.63 13.09
C ASP C 204 -14.55 -10.88 11.93
N LEU C 205 -14.44 -12.11 11.44
CA LEU C 205 -13.52 -12.47 10.33
C LEU C 205 -13.66 -11.45 9.19
N ILE C 206 -14.89 -11.22 8.75
CA ILE C 206 -15.21 -10.42 7.53
C ILE C 206 -14.89 -8.94 7.80
N GLN C 207 -15.46 -8.38 8.88
CA GLN C 207 -15.27 -6.94 9.22
C GLN C 207 -13.79 -6.67 9.52
N THR C 208 -13.06 -7.64 10.10
CA THR C 208 -11.59 -7.56 10.33
C THR C 208 -10.87 -7.49 8.98
N TYR C 209 -11.22 -8.37 8.04
CA TYR C 209 -10.54 -8.48 6.73
C TYR C 209 -10.99 -7.34 5.81
N ARG C 210 -12.20 -6.79 5.98
CA ARG C 210 -12.63 -5.62 5.19
C ARG C 210 -11.69 -4.46 5.49
N MET C 211 -11.49 -4.17 6.78
CA MET C 211 -10.55 -3.14 7.28
C MET C 211 -9.14 -3.42 6.73
N HIS C 212 -8.64 -4.64 6.92
CA HIS C 212 -7.29 -5.03 6.45
C HIS C 212 -7.13 -4.63 4.97
N ILE C 213 -8.02 -5.10 4.09
CA ILE C 213 -7.92 -4.90 2.62
C ILE C 213 -7.92 -3.39 2.31
N ALA C 214 -8.72 -2.62 3.05
CA ALA C 214 -9.02 -1.19 2.76
C ALA C 214 -7.85 -0.28 3.16
N GLN C 215 -7.12 -0.60 4.23
CA GLN C 215 -6.07 0.32 4.77
C GLN C 215 -4.68 -0.31 4.79
N ASP C 216 -4.55 -1.59 5.18
CA ASP C 216 -3.23 -2.26 5.34
C ASP C 216 -2.49 -2.37 3.99
N ILE C 217 -3.20 -2.17 2.87
CA ILE C 217 -2.66 -2.42 1.50
C ILE C 217 -2.72 -1.13 0.68
N ASN C 218 -1.65 -0.85 -0.07
CA ASN C 218 -1.62 0.30 -1.01
C ASN C 218 -2.76 0.12 -2.01
N GLN C 219 -3.76 1.02 -2.01
CA GLN C 219 -4.99 0.86 -2.84
C GLN C 219 -4.64 0.97 -4.32
N ASP C 220 -3.69 1.85 -4.68
CA ASP C 220 -3.15 1.97 -6.07
C ASP C 220 -2.51 0.66 -6.49
N ASN C 221 -1.66 0.07 -5.64
CA ASN C 221 -0.85 -1.14 -5.97
C ASN C 221 -1.74 -2.39 -5.96
N LEU C 222 -2.74 -2.41 -5.08
CA LEU C 222 -3.70 -3.54 -4.94
C LEU C 222 -4.52 -3.67 -6.23
N GLN C 223 -4.91 -2.53 -6.82
CA GLN C 223 -5.67 -2.52 -8.11
C GLN C 223 -4.84 -3.23 -9.18
N LEU C 224 -3.55 -2.90 -9.25
CA LEU C 224 -2.59 -3.44 -10.25
C LEU C 224 -2.46 -4.96 -10.09
N PHE C 225 -2.24 -5.42 -8.85
CA PHE C 225 -2.10 -6.85 -8.51
C PHE C 225 -3.41 -7.56 -8.88
N LEU C 226 -4.56 -6.99 -8.47
CA LEU C 226 -5.90 -7.53 -8.80
C LEU C 226 -6.00 -7.68 -10.33
N ASN C 227 -5.59 -6.65 -11.07
CA ASN C 227 -5.61 -6.57 -12.56
C ASN C 227 -4.75 -7.70 -13.18
N SER C 228 -3.59 -8.00 -12.56
CA SER C 228 -2.65 -9.07 -12.98
C SER C 228 -3.29 -10.45 -12.76
N TYR C 229 -3.84 -10.68 -11.57
CA TYR C 229 -4.53 -11.95 -11.22
C TYR C 229 -5.72 -12.17 -12.15
N ASN C 230 -6.49 -11.12 -12.45
CA ASN C 230 -7.70 -11.24 -13.32
C ASN C 230 -7.25 -11.44 -14.77
N GLY C 231 -6.01 -11.08 -15.08
CA GLY C 231 -5.39 -11.26 -16.41
C GLY C 231 -4.73 -12.62 -16.56
N ARG C 232 -4.64 -13.42 -15.49
CA ARG C 232 -3.94 -14.73 -15.48
C ARG C 232 -4.47 -15.58 -16.64
N ARG C 233 -3.57 -16.29 -17.32
CA ARG C 233 -3.92 -17.20 -18.45
C ARG C 233 -4.06 -18.62 -17.91
N ASP C 234 -4.66 -19.52 -18.70
CA ASP C 234 -4.88 -20.92 -18.29
C ASP C 234 -3.53 -21.59 -18.01
N LEU C 235 -3.36 -22.08 -16.78
CA LEU C 235 -2.14 -22.78 -16.26
C LEU C 235 -1.69 -23.87 -17.26
N GLU C 236 -2.62 -24.45 -18.02
CA GLU C 236 -2.35 -25.42 -19.13
C GLU C 236 -1.65 -26.67 -18.56
N ILE C 237 -2.10 -27.12 -17.38
CA ILE C 237 -1.83 -28.48 -16.83
C ILE C 237 -2.90 -29.43 -17.39
N GLU C 238 -2.56 -30.70 -17.60
CA GLU C 238 -3.52 -31.75 -18.03
C GLU C 238 -3.07 -33.11 -17.46
N ARG C 239 -4.02 -33.91 -17.00
CA ARG C 239 -3.78 -35.22 -16.32
C ARG C 239 -2.95 -36.10 -17.26
N PRO C 240 -1.84 -36.73 -16.80
CA PRO C 240 -1.11 -37.67 -17.63
C PRO C 240 -1.94 -38.94 -17.84
N ILE C 241 -1.66 -39.67 -18.93
CA ILE C 241 -2.25 -41.01 -19.24
C ILE C 241 -1.12 -42.04 -19.19
N LEU C 242 -1.37 -43.16 -18.51
CA LEU C 242 -0.33 -44.19 -18.21
C LEU C 242 0.02 -44.99 -19.46
N GLY C 243 -0.79 -44.88 -20.53
CA GLY C 243 -0.55 -45.52 -21.84
C GLY C 243 0.67 -44.98 -22.58
N GLN C 244 1.43 -44.08 -21.94
CA GLN C 244 2.71 -43.49 -22.43
C GLN C 244 2.48 -42.68 -23.71
N ASN C 245 1.22 -42.37 -24.05
CA ASN C 245 0.89 -41.46 -25.17
C ASN C 245 1.46 -40.08 -24.83
N ASP C 246 2.47 -39.63 -25.59
CA ASP C 246 3.21 -38.36 -25.32
C ASP C 246 2.54 -37.22 -26.10
N ASN C 247 1.85 -36.34 -25.38
CA ASN C 247 1.01 -35.24 -25.94
C ASN C 247 1.59 -33.89 -25.51
N LYS C 248 0.92 -32.79 -25.85
CA LYS C 248 1.28 -31.42 -25.38
C LYS C 248 1.01 -31.32 -23.87
N SER C 249 0.03 -32.08 -23.38
CA SER C 249 -0.43 -32.10 -21.95
C SER C 249 0.76 -32.27 -21.00
N LYS C 250 1.00 -31.27 -20.14
CA LYS C 250 2.08 -31.23 -19.10
C LYS C 250 1.43 -31.05 -17.72
N THR C 251 2.16 -31.37 -16.63
CA THR C 251 1.65 -31.29 -15.22
C THR C 251 2.81 -30.99 -14.25
N LEU C 252 2.45 -30.58 -13.03
CA LEU C 252 3.36 -30.46 -11.84
C LEU C 252 4.05 -31.80 -11.58
N LYS C 253 5.38 -31.76 -11.41
CA LYS C 253 6.24 -32.94 -11.14
C LYS C 253 6.19 -33.32 -9.66
N CYS C 254 5.84 -32.38 -8.80
CA CYS C 254 6.01 -32.48 -7.32
C CYS C 254 4.76 -33.02 -6.64
N SER C 255 4.91 -33.47 -5.40
CA SER C 255 3.80 -33.75 -4.46
C SER C 255 2.98 -32.47 -4.23
N THR C 256 1.65 -32.56 -4.22
CA THR C 256 0.71 -31.42 -4.16
C THR C 256 -0.44 -31.71 -3.19
N LEU C 257 -0.79 -30.73 -2.34
CA LEU C 257 -1.97 -30.81 -1.44
C LEU C 257 -2.93 -29.68 -1.80
N LEU C 258 -3.90 -29.94 -2.67
CA LEU C 258 -4.97 -28.96 -2.99
C LEU C 258 -5.87 -28.83 -1.76
N VAL C 259 -6.06 -27.60 -1.28
CA VAL C 259 -6.90 -27.30 -0.09
C VAL C 259 -7.99 -26.32 -0.51
N VAL C 260 -9.21 -26.51 0.01
CA VAL C 260 -10.36 -25.59 -0.18
C VAL C 260 -11.39 -25.87 0.91
N GLY C 261 -12.16 -24.84 1.30
CA GLY C 261 -13.30 -25.00 2.22
C GLY C 261 -14.54 -25.39 1.45
N ASP C 262 -15.39 -26.25 2.02
CA ASP C 262 -16.71 -26.63 1.45
C ASP C 262 -17.37 -25.40 0.81
N ASN C 263 -17.31 -24.25 1.50
CA ASN C 263 -18.14 -23.05 1.19
C ASN C 263 -17.32 -21.99 0.46
N SER C 264 -16.02 -22.21 0.26
CA SER C 264 -15.18 -21.32 -0.58
C SER C 264 -15.81 -21.18 -1.96
N PRO C 265 -15.92 -19.98 -2.55
CA PRO C 265 -16.31 -19.85 -3.95
C PRO C 265 -15.33 -20.58 -4.90
N ALA C 266 -14.13 -20.91 -4.40
CA ALA C 266 -13.03 -21.56 -5.15
C ALA C 266 -13.33 -23.04 -5.46
N VAL C 267 -14.22 -23.69 -4.68
CA VAL C 267 -14.34 -25.18 -4.66
C VAL C 267 -14.39 -25.70 -6.10
N GLU C 268 -15.36 -25.24 -6.91
CA GLU C 268 -15.51 -25.68 -8.33
C GLU C 268 -14.14 -25.69 -9.01
N ALA C 269 -13.36 -24.62 -8.84
CA ALA C 269 -12.05 -24.39 -9.51
C ALA C 269 -10.96 -25.28 -8.90
N VAL C 270 -11.01 -25.55 -7.59
CA VAL C 270 -9.98 -26.39 -6.89
C VAL C 270 -10.20 -27.85 -7.29
N VAL C 271 -11.46 -28.25 -7.48
CA VAL C 271 -11.85 -29.62 -7.96
C VAL C 271 -11.35 -29.78 -9.39
N GLU C 272 -11.70 -28.82 -10.26
CA GLU C 272 -11.13 -28.69 -11.62
C GLU C 272 -9.62 -28.97 -11.56
N CYS C 273 -8.86 -28.15 -10.83
CA CYS C 273 -7.37 -28.23 -10.74
C CYS C 273 -6.93 -29.65 -10.38
N ASN C 274 -7.70 -30.32 -9.52
CA ASN C 274 -7.40 -31.71 -9.05
C ASN C 274 -7.55 -32.70 -10.22
N SER C 275 -8.58 -32.52 -11.06
CA SER C 275 -8.90 -33.41 -12.20
C SER C 275 -7.81 -33.29 -13.28
N ARG C 276 -6.94 -32.27 -13.20
CA ARG C 276 -5.91 -31.94 -14.23
C ARG C 276 -4.49 -32.16 -13.67
N LEU C 277 -4.36 -32.65 -12.43
CA LEU C 277 -3.04 -32.99 -11.85
C LEU C 277 -2.90 -34.50 -11.70
N ASN C 278 -1.68 -34.96 -11.48
CA ASN C 278 -1.29 -36.40 -11.46
C ASN C 278 -1.73 -37.03 -10.14
N PRO C 279 -2.78 -37.89 -10.12
CA PRO C 279 -3.36 -38.36 -8.86
C PRO C 279 -2.40 -39.16 -7.96
N ILE C 280 -1.28 -39.61 -8.51
CA ILE C 280 -0.19 -40.32 -7.77
C ILE C 280 0.54 -39.29 -6.89
N ASN C 281 0.61 -38.03 -7.34
CA ASN C 281 1.35 -36.92 -6.68
C ASN C 281 0.41 -35.78 -6.30
N THR C 282 -0.89 -36.05 -6.10
CA THR C 282 -1.88 -35.01 -5.73
C THR C 282 -2.94 -35.59 -4.79
N THR C 283 -3.32 -34.79 -3.78
CA THR C 283 -4.44 -35.04 -2.85
C THR C 283 -5.34 -33.80 -2.82
N LEU C 284 -6.65 -33.97 -2.90
CA LEU C 284 -7.64 -32.89 -2.67
C LEU C 284 -8.09 -32.99 -1.21
N LEU C 285 -8.18 -31.85 -0.53
CA LEU C 285 -8.66 -31.73 0.87
C LEU C 285 -9.76 -30.67 0.92
N LYS C 286 -11.02 -31.10 0.88
CA LYS C 286 -12.19 -30.21 1.11
C LYS C 286 -12.44 -30.12 2.61
N MET C 287 -12.25 -28.94 3.21
CA MET C 287 -12.28 -28.72 4.68
C MET C 287 -13.73 -28.48 5.12
N ALA C 288 -14.17 -29.20 6.16
CA ALA C 288 -15.56 -29.21 6.68
C ALA C 288 -15.88 -27.88 7.37
N ASP C 289 -17.12 -27.38 7.20
CA ASP C 289 -17.68 -26.21 7.94
C ASP C 289 -16.87 -24.94 7.66
N CYS C 290 -16.19 -24.89 6.52
CA CYS C 290 -15.10 -23.91 6.23
C CYS C 290 -15.46 -23.08 4.98
N GLY C 291 -15.08 -21.80 4.98
CA GLY C 291 -15.29 -20.88 3.83
C GLY C 291 -13.97 -20.39 3.26
N GLY C 292 -13.80 -19.08 3.19
CA GLY C 292 -12.52 -18.43 2.88
C GLY C 292 -11.49 -18.68 3.97
N LEU C 293 -10.21 -18.61 3.60
CA LEU C 293 -9.05 -18.62 4.52
C LEU C 293 -9.14 -19.84 5.43
N PRO C 294 -9.15 -21.07 4.87
CA PRO C 294 -9.06 -22.28 5.67
C PRO C 294 -7.86 -22.28 6.64
N GLN C 295 -6.74 -21.71 6.22
CA GLN C 295 -5.49 -21.66 7.03
C GLN C 295 -5.72 -20.83 8.30
N VAL C 296 -6.76 -19.99 8.32
CA VAL C 296 -7.08 -19.04 9.42
C VAL C 296 -8.24 -19.56 10.25
N VAL C 297 -9.33 -20.03 9.61
CA VAL C 297 -10.59 -20.46 10.30
C VAL C 297 -10.33 -21.80 11.03
N GLN C 298 -9.63 -22.75 10.40
CA GLN C 298 -9.35 -24.10 10.96
C GLN C 298 -7.88 -24.45 10.79
N PRO C 299 -6.96 -23.77 11.51
CA PRO C 299 -5.53 -24.10 11.46
C PRO C 299 -5.23 -25.46 12.10
N GLY C 300 -6.07 -25.89 13.05
CA GLY C 300 -5.94 -27.19 13.71
C GLY C 300 -5.77 -28.29 12.67
N LYS C 301 -6.80 -28.45 11.83
CA LYS C 301 -6.87 -29.52 10.80
C LYS C 301 -5.76 -29.30 9.77
N LEU C 302 -5.68 -28.11 9.17
CA LEU C 302 -4.74 -27.84 8.04
C LEU C 302 -3.30 -28.17 8.47
N THR C 303 -2.97 -27.89 9.74
CA THR C 303 -1.62 -28.15 10.32
C THR C 303 -1.32 -29.64 10.26
N GLU C 304 -2.31 -30.47 10.60
CA GLU C 304 -2.19 -31.95 10.65
C GLU C 304 -2.06 -32.48 9.23
N ALA C 305 -2.93 -32.02 8.33
CA ALA C 305 -2.86 -32.29 6.87
C ALA C 305 -1.44 -32.01 6.36
N PHE C 306 -0.92 -30.81 6.60
CA PHE C 306 0.42 -30.36 6.14
C PHE C 306 1.51 -31.25 6.76
N LYS C 307 1.28 -31.74 7.99
CA LYS C 307 2.22 -32.63 8.72
C LYS C 307 2.30 -33.97 7.97
N TYR C 308 1.14 -34.58 7.69
CA TYR C 308 1.01 -35.83 6.90
C TYR C 308 1.71 -35.62 5.55
N PHE C 309 1.32 -34.58 4.81
CA PHE C 309 1.90 -34.15 3.51
C PHE C 309 3.42 -34.18 3.59
N LEU C 310 4.01 -33.51 4.60
CA LEU C 310 5.48 -33.39 4.77
C LEU C 310 6.08 -34.78 5.06
N GLN C 311 5.36 -35.61 5.83
CA GLN C 311 5.76 -37.01 6.15
C GLN C 311 5.80 -37.84 4.86
N GLY C 312 4.79 -37.66 3.99
CA GLY C 312 4.67 -38.32 2.68
C GLY C 312 5.89 -38.11 1.79
N MET C 313 6.50 -36.92 1.85
CA MET C 313 7.72 -36.58 1.07
C MET C 313 8.97 -37.10 1.79
N GLY C 314 8.84 -37.44 3.08
CA GLY C 314 9.91 -38.02 3.91
C GLY C 314 10.50 -37.01 4.87
N TYR C 315 9.71 -35.99 5.26
CA TYR C 315 10.09 -34.91 6.21
C TYR C 315 9.28 -35.05 7.50
N ILE C 316 9.76 -34.46 8.59
CA ILE C 316 9.12 -34.53 9.95
C ILE C 316 8.77 -35.98 10.27
N PRO C 317 9.75 -36.89 10.36
CA PRO C 317 9.47 -38.30 10.67
C PRO C 317 8.68 -38.50 11.97
N ASP D 29 -17.45 2.32 -49.94
CA ASP D 29 -16.07 1.74 -49.82
C ASP D 29 -15.90 1.04 -48.46
N SER D 30 -16.34 1.67 -47.37
CA SER D 30 -15.96 1.34 -45.98
C SER D 30 -17.16 1.16 -45.05
N GLN D 31 -16.95 0.44 -43.95
CA GLN D 31 -17.91 0.24 -42.82
C GLN D 31 -17.13 0.11 -41.51
N GLU D 32 -17.53 0.84 -40.47
CA GLU D 32 -16.91 0.79 -39.11
C GLU D 32 -17.82 0.01 -38.15
N HIS D 33 -17.25 -0.91 -37.38
CA HIS D 33 -17.94 -1.67 -36.30
C HIS D 33 -17.20 -1.50 -34.98
N ASP D 34 -17.94 -1.27 -33.89
CA ASP D 34 -17.48 -1.42 -32.48
C ASP D 34 -17.97 -2.77 -31.95
N ILE D 35 -17.09 -3.77 -31.91
CA ILE D 35 -17.45 -5.20 -31.65
C ILE D 35 -17.22 -5.55 -30.18
N GLU D 36 -18.28 -5.98 -29.50
CA GLU D 36 -18.26 -6.40 -28.07
C GLU D 36 -17.50 -7.72 -27.97
N THR D 37 -16.60 -7.84 -26.98
CA THR D 37 -15.93 -9.12 -26.59
C THR D 37 -15.87 -9.21 -25.06
N THR D 38 -15.49 -10.37 -24.53
CA THR D 38 -15.39 -10.66 -23.08
C THR D 38 -14.26 -9.83 -22.46
N HIS D 39 -13.35 -9.27 -23.26
CA HIS D 39 -12.22 -8.42 -22.83
C HIS D 39 -12.39 -6.98 -23.31
N GLY D 40 -13.63 -6.57 -23.61
CA GLY D 40 -13.99 -5.17 -23.92
C GLY D 40 -14.19 -4.93 -25.41
N VAL D 41 -14.60 -3.71 -25.78
CA VAL D 41 -14.89 -3.31 -27.19
C VAL D 41 -13.57 -3.24 -27.97
N VAL D 42 -13.60 -3.64 -29.24
CA VAL D 42 -12.52 -3.45 -30.26
C VAL D 42 -13.14 -2.76 -31.47
N HIS D 43 -12.53 -1.68 -31.94
CA HIS D 43 -12.97 -0.92 -33.15
C HIS D 43 -12.30 -1.54 -34.39
N VAL D 44 -13.10 -1.91 -35.38
CA VAL D 44 -12.60 -2.46 -36.68
C VAL D 44 -13.27 -1.70 -37.82
N THR D 45 -12.60 -1.70 -38.97
CA THR D 45 -13.02 -0.99 -40.22
C THR D 45 -12.89 -1.97 -41.39
N ILE D 46 -14.02 -2.45 -41.94
CA ILE D 46 -14.04 -3.30 -43.18
C ILE D 46 -14.14 -2.37 -44.39
N ARG D 47 -13.04 -2.24 -45.14
CA ARG D 47 -13.00 -1.61 -46.50
C ARG D 47 -13.06 -2.75 -47.53
N GLY D 48 -14.10 -2.73 -48.39
CA GLY D 48 -14.38 -3.79 -49.36
C GLY D 48 -15.46 -4.74 -48.87
N LEU D 49 -16.04 -5.53 -49.78
CA LEU D 49 -17.21 -6.42 -49.54
C LEU D 49 -16.74 -7.87 -49.44
N PRO D 50 -16.93 -8.58 -48.30
CA PRO D 50 -16.47 -9.96 -48.15
C PRO D 50 -17.16 -10.96 -49.10
N LYS D 51 -16.45 -12.03 -49.47
CA LYS D 51 -16.95 -13.15 -50.30
C LYS D 51 -17.12 -14.38 -49.41
N GLY D 52 -17.97 -15.34 -49.82
CA GLY D 52 -18.42 -16.52 -49.04
C GLY D 52 -17.30 -17.23 -48.29
N ASN D 53 -16.39 -17.88 -49.01
CA ASN D 53 -15.28 -18.69 -48.43
C ASN D 53 -13.97 -17.91 -48.43
N ARG D 54 -13.63 -17.25 -49.56
CA ARG D 54 -12.29 -16.63 -49.78
C ARG D 54 -12.01 -15.63 -48.67
N PRO D 55 -10.80 -15.63 -48.08
CA PRO D 55 -10.56 -14.97 -46.80
C PRO D 55 -10.44 -13.44 -46.93
N VAL D 56 -10.56 -12.73 -45.82
CA VAL D 56 -10.31 -11.26 -45.73
C VAL D 56 -8.88 -11.04 -45.25
N ILE D 57 -8.24 -9.99 -45.78
CA ILE D 57 -6.90 -9.58 -45.31
C ILE D 57 -7.21 -8.79 -44.04
N LEU D 58 -6.74 -9.29 -42.90
CA LEU D 58 -7.06 -8.72 -41.54
C LEU D 58 -5.75 -8.10 -41.06
N THR D 59 -5.87 -7.02 -40.32
CA THR D 59 -4.78 -6.05 -40.01
C THR D 59 -4.76 -5.72 -38.52
N TYR D 60 -3.61 -5.92 -37.84
CA TYR D 60 -3.36 -5.49 -36.44
C TYR D 60 -2.10 -4.62 -36.40
N HIS D 61 -2.29 -3.35 -36.08
CA HIS D 61 -1.23 -2.31 -36.00
C HIS D 61 -0.31 -2.54 -34.79
N ASP D 62 0.78 -1.77 -34.73
CA ASP D 62 1.84 -1.87 -33.68
C ASP D 62 1.51 -0.88 -32.55
N ILE D 63 2.34 -0.85 -31.50
CA ILE D 63 2.23 0.11 -30.35
C ILE D 63 2.47 1.55 -30.85
N GLY D 64 1.65 2.50 -30.39
CA GLY D 64 1.79 3.93 -30.74
C GLY D 64 1.22 4.25 -32.12
N LEU D 65 0.69 3.24 -32.80
CA LEU D 65 -0.02 3.42 -34.11
C LEU D 65 -1.50 3.05 -33.93
N ASN D 66 -2.32 3.40 -34.92
CA ASN D 66 -3.67 2.83 -35.18
C ASN D 66 -3.64 2.27 -36.60
N HIS D 67 -4.76 1.76 -37.11
CA HIS D 67 -4.82 1.13 -38.46
C HIS D 67 -4.50 2.15 -39.54
N LYS D 68 -4.85 3.41 -39.32
CA LYS D 68 -4.64 4.50 -40.29
C LYS D 68 -3.15 4.82 -40.40
N SER D 69 -2.48 5.11 -39.28
CA SER D 69 -1.04 5.51 -39.25
C SER D 69 -0.14 4.36 -39.71
N CYS D 70 -0.63 3.11 -39.70
CA CYS D 70 0.18 1.87 -39.88
C CYS D 70 0.01 1.24 -41.28
N PHE D 71 -1.19 1.27 -41.84
CA PHE D 71 -1.55 0.49 -43.07
C PHE D 71 -2.06 1.42 -44.18
N ASN D 72 -2.80 2.49 -43.89
CA ASN D 72 -3.50 3.27 -44.94
C ASN D 72 -2.51 3.66 -46.03
N ALA D 73 -1.25 3.96 -45.67
CA ALA D 73 -0.17 4.32 -46.63
C ALA D 73 0.06 3.14 -47.57
N PHE D 74 0.32 1.97 -46.99
CA PHE D 74 0.65 0.70 -47.69
C PHE D 74 -0.55 0.21 -48.49
N PHE D 75 -1.75 0.21 -47.91
CA PHE D 75 -2.97 -0.44 -48.48
C PHE D 75 -3.61 0.43 -49.56
N ASN D 76 -3.23 1.71 -49.65
CA ASN D 76 -3.71 2.64 -50.70
C ASN D 76 -2.72 2.67 -51.88
N PHE D 77 -1.45 2.33 -51.62
CA PHE D 77 -0.37 2.24 -52.64
C PHE D 77 -0.96 1.62 -53.91
N GLU D 78 -0.55 2.13 -55.08
CA GLU D 78 -1.11 1.77 -56.42
C GLU D 78 -1.19 0.24 -56.61
N ASP D 79 -0.05 -0.45 -56.44
CA ASP D 79 0.08 -1.90 -56.73
C ASP D 79 -0.82 -2.70 -55.77
N MET D 80 -0.71 -2.43 -54.46
CA MET D 80 -1.52 -3.06 -53.38
C MET D 80 -3.02 -2.91 -53.67
N GLN D 81 -3.43 -1.81 -54.30
CA GLN D 81 -4.86 -1.53 -54.63
C GLN D 81 -5.44 -2.66 -55.50
N GLU D 82 -4.64 -3.20 -56.40
CA GLU D 82 -5.06 -4.28 -57.35
C GLU D 82 -5.24 -5.60 -56.59
N ILE D 83 -4.55 -5.77 -55.46
CA ILE D 83 -4.68 -6.94 -54.53
C ILE D 83 -5.94 -6.77 -53.70
N THR D 84 -6.03 -5.66 -52.96
CA THR D 84 -7.15 -5.30 -52.04
C THR D 84 -8.48 -5.31 -52.81
N GLN D 85 -8.42 -5.22 -54.14
CA GLN D 85 -9.60 -5.29 -55.04
C GLN D 85 -10.30 -6.64 -54.85
N HIS D 86 -9.56 -7.73 -54.97
CA HIS D 86 -10.09 -9.13 -54.98
C HIS D 86 -10.54 -9.53 -53.57
N PHE D 87 -9.73 -9.22 -52.55
CA PHE D 87 -10.05 -9.50 -51.12
C PHE D 87 -10.83 -8.31 -50.53
N ALA D 88 -11.55 -8.57 -49.44
CA ALA D 88 -12.05 -7.55 -48.48
C ALA D 88 -10.95 -7.30 -47.44
N VAL D 89 -10.85 -6.07 -46.92
CA VAL D 89 -9.82 -5.70 -45.89
C VAL D 89 -10.52 -5.29 -44.59
N CYS D 90 -10.14 -5.92 -43.48
CA CYS D 90 -10.69 -5.70 -42.11
C CYS D 90 -9.58 -5.17 -41.21
N HIS D 91 -9.62 -3.89 -40.87
CA HIS D 91 -8.57 -3.16 -40.10
C HIS D 91 -8.92 -3.13 -38.61
N VAL D 92 -8.24 -3.94 -37.80
CA VAL D 92 -8.45 -4.00 -36.31
C VAL D 92 -7.65 -2.87 -35.66
N ASP D 93 -8.29 -2.14 -34.75
CA ASP D 93 -7.67 -1.12 -33.86
C ASP D 93 -7.68 -1.63 -32.42
N ALA D 94 -6.49 -1.93 -31.88
CA ALA D 94 -6.28 -2.36 -30.48
C ALA D 94 -7.15 -1.51 -29.56
N PRO D 95 -7.71 -2.09 -28.48
CA PRO D 95 -8.56 -1.33 -27.56
C PRO D 95 -8.00 0.06 -27.20
N GLY D 96 -8.84 1.09 -27.34
CA GLY D 96 -8.51 2.47 -26.93
C GLY D 96 -7.48 3.13 -27.84
N GLN D 97 -6.99 2.42 -28.87
CA GLN D 97 -5.95 2.97 -29.78
C GLN D 97 -6.63 3.53 -31.04
N GLN D 98 -7.94 3.37 -31.19
CA GLN D 98 -8.67 3.91 -32.37
C GLN D 98 -8.69 5.44 -32.25
N GLU D 99 -8.86 6.15 -33.37
CA GLU D 99 -9.00 7.63 -33.38
C GLU D 99 -10.22 8.02 -32.56
N GLY D 100 -10.08 9.08 -31.75
CA GLY D 100 -11.16 9.67 -30.92
C GLY D 100 -11.55 8.78 -29.75
N ALA D 101 -10.69 7.84 -29.37
CA ALA D 101 -10.94 6.87 -28.27
C ALA D 101 -10.87 7.60 -26.93
N PRO D 102 -11.88 7.44 -26.04
CA PRO D 102 -11.83 8.05 -24.73
C PRO D 102 -10.83 7.28 -23.85
N SER D 103 -10.27 7.96 -22.85
CA SER D 103 -9.35 7.38 -21.84
C SER D 103 -10.11 6.35 -21.01
N PHE D 104 -9.57 5.14 -20.87
CA PHE D 104 -10.06 4.16 -19.87
C PHE D 104 -9.86 4.77 -18.49
N PRO D 105 -10.72 4.51 -17.49
CA PRO D 105 -10.46 4.98 -16.13
C PRO D 105 -9.10 4.44 -15.66
N THR D 106 -8.53 4.99 -14.58
CA THR D 106 -7.14 4.69 -14.14
C THR D 106 -7.01 3.23 -13.70
N GLY D 107 -8.04 2.69 -13.02
CA GLY D 107 -8.05 1.32 -12.47
C GLY D 107 -8.18 0.25 -13.54
N TYR D 108 -8.54 0.64 -14.77
CA TYR D 108 -8.94 -0.28 -15.86
C TYR D 108 -7.86 -1.35 -16.07
N GLN D 109 -8.31 -2.61 -16.16
CA GLN D 109 -7.48 -3.79 -16.50
C GLN D 109 -7.42 -3.93 -18.04
N TYR D 110 -6.38 -3.38 -18.65
CA TYR D 110 -6.14 -3.44 -20.11
C TYR D 110 -5.78 -4.87 -20.50
N PRO D 111 -6.39 -5.43 -21.57
CA PRO D 111 -6.13 -6.82 -21.95
C PRO D 111 -4.64 -7.16 -22.11
N THR D 112 -4.28 -8.40 -21.73
CA THR D 112 -2.95 -9.02 -21.94
C THR D 112 -2.81 -9.25 -23.45
N MET D 113 -1.59 -9.44 -23.96
CA MET D 113 -1.37 -9.72 -25.40
C MET D 113 -2.14 -10.99 -25.78
N ASP D 114 -2.07 -12.01 -24.92
CA ASP D 114 -2.80 -13.30 -25.11
C ASP D 114 -4.30 -13.02 -25.20
N GLU D 115 -4.82 -12.13 -24.34
CA GLU D 115 -6.26 -11.75 -24.31
C GLU D 115 -6.59 -10.94 -25.58
N LEU D 116 -5.69 -10.05 -26.01
CA LEU D 116 -5.89 -9.16 -27.19
C LEU D 116 -6.14 -10.00 -28.43
N ALA D 117 -5.50 -11.18 -28.47
CA ALA D 117 -5.62 -12.19 -29.54
C ALA D 117 -6.99 -12.90 -29.45
N GLU D 118 -7.47 -13.15 -28.23
CA GLU D 118 -8.75 -13.86 -27.98
C GLU D 118 -9.94 -13.01 -28.44
N MET D 119 -9.69 -11.74 -28.77
CA MET D 119 -10.74 -10.79 -29.21
C MET D 119 -11.08 -11.05 -30.69
N LEU D 120 -10.17 -11.66 -31.44
CA LEU D 120 -10.23 -11.73 -32.92
C LEU D 120 -11.29 -12.73 -33.38
N PRO D 121 -11.43 -13.93 -32.78
CA PRO D 121 -12.54 -14.84 -33.15
C PRO D 121 -13.91 -14.17 -33.03
N PRO D 122 -14.24 -13.46 -31.93
CA PRO D 122 -15.46 -12.65 -31.87
C PRO D 122 -15.63 -11.60 -32.97
N VAL D 123 -14.53 -11.00 -33.45
CA VAL D 123 -14.53 -10.05 -34.61
C VAL D 123 -15.00 -10.80 -35.85
N LEU D 124 -14.26 -11.87 -36.21
CA LEU D 124 -14.54 -12.75 -37.38
C LEU D 124 -16.02 -13.14 -37.35
N THR D 125 -16.48 -13.77 -36.27
CA THR D 125 -17.87 -14.28 -36.07
C THR D 125 -18.89 -13.17 -36.36
N HIS D 126 -18.67 -11.98 -35.79
CA HIS D 126 -19.61 -10.83 -35.91
C HIS D 126 -19.71 -10.40 -37.38
N LEU D 127 -18.63 -10.50 -38.15
CA LEU D 127 -18.55 -10.06 -39.57
C LEU D 127 -18.76 -11.25 -40.53
N SER D 128 -19.19 -12.39 -40.00
CA SER D 128 -19.47 -13.65 -40.75
C SER D 128 -18.27 -14.06 -41.62
N LEU D 129 -17.05 -13.83 -41.13
CA LEU D 129 -15.78 -14.22 -41.82
C LEU D 129 -15.41 -15.62 -41.34
N LYS D 130 -14.91 -16.47 -42.25
CA LYS D 130 -14.59 -17.90 -41.96
C LYS D 130 -13.10 -18.06 -41.66
N SER D 131 -12.25 -17.24 -42.28
CA SER D 131 -10.77 -17.30 -42.13
C SER D 131 -10.15 -15.95 -42.50
N ILE D 132 -8.86 -15.76 -42.26
CA ILE D 132 -8.16 -14.47 -42.55
C ILE D 132 -6.73 -14.74 -43.02
N ILE D 133 -6.22 -13.81 -43.83
CA ILE D 133 -4.77 -13.63 -44.14
C ILE D 133 -4.30 -12.43 -43.32
N GLY D 134 -3.55 -12.68 -42.23
CA GLY D 134 -3.14 -11.63 -41.28
C GLY D 134 -1.94 -10.84 -41.78
N ILE D 135 -1.98 -9.52 -41.60
CA ILE D 135 -0.77 -8.63 -41.70
C ILE D 135 -0.62 -7.93 -40.34
N GLY D 136 0.49 -8.22 -39.65
CA GLY D 136 0.80 -7.70 -38.31
C GLY D 136 2.13 -6.97 -38.28
N VAL D 137 2.16 -5.86 -37.55
CA VAL D 137 3.41 -5.09 -37.25
C VAL D 137 3.62 -5.16 -35.72
N GLY D 138 4.83 -5.54 -35.29
CA GLY D 138 5.25 -5.56 -33.87
C GLY D 138 4.30 -6.34 -32.97
N ALA D 139 3.59 -5.64 -32.09
CA ALA D 139 2.57 -6.24 -31.19
C ALA D 139 1.50 -6.90 -32.05
N GLY D 140 1.05 -6.23 -33.11
CA GLY D 140 0.11 -6.77 -34.12
C GLY D 140 0.54 -8.14 -34.61
N ALA D 141 1.83 -8.30 -34.92
CA ALA D 141 2.44 -9.56 -35.43
C ALA D 141 2.37 -10.64 -34.36
N TYR D 142 2.77 -10.32 -33.13
CA TYR D 142 2.68 -11.22 -31.94
C TYR D 142 1.21 -11.62 -31.74
N ILE D 143 0.30 -10.65 -31.74
CA ILE D 143 -1.15 -10.87 -31.46
C ILE D 143 -1.72 -11.84 -32.51
N LEU D 144 -1.47 -11.59 -33.80
CA LEU D 144 -1.97 -12.46 -34.91
C LEU D 144 -1.31 -13.85 -34.86
N SER D 145 -0.06 -13.94 -34.41
CA SER D 145 0.70 -15.21 -34.24
C SER D 145 0.07 -16.05 -33.11
N ARG D 146 -0.10 -15.47 -31.93
CA ARG D 146 -0.84 -16.11 -30.81
C ARG D 146 -2.22 -16.56 -31.29
N PHE D 147 -2.90 -15.72 -32.08
CA PHE D 147 -4.22 -16.02 -32.69
C PHE D 147 -4.11 -17.31 -33.53
N ALA D 148 -3.15 -17.33 -34.46
CA ALA D 148 -2.84 -18.50 -35.33
C ALA D 148 -2.63 -19.76 -34.48
N LEU D 149 -1.84 -19.68 -33.41
CA LEU D 149 -1.56 -20.84 -32.54
C LEU D 149 -2.86 -21.25 -31.83
N ASN D 150 -3.58 -20.31 -31.25
CA ASN D 150 -4.84 -20.58 -30.52
C ASN D 150 -5.88 -21.14 -31.50
N HIS D 151 -6.02 -20.52 -32.68
CA HIS D 151 -7.05 -20.86 -33.70
C HIS D 151 -6.45 -20.89 -35.11
N PRO D 152 -5.74 -21.97 -35.52
CA PRO D 152 -5.11 -21.99 -36.84
C PRO D 152 -6.11 -22.31 -37.96
N GLU D 153 -7.29 -22.83 -37.59
CA GLU D 153 -8.39 -23.16 -38.56
C GLU D 153 -8.86 -21.87 -39.25
N LEU D 154 -8.70 -20.72 -38.61
CA LEU D 154 -9.19 -19.39 -39.11
C LEU D 154 -8.03 -18.58 -39.71
N VAL D 155 -6.78 -19.03 -39.56
CA VAL D 155 -5.58 -18.37 -40.16
C VAL D 155 -5.09 -19.19 -41.35
N GLU D 156 -5.03 -18.58 -42.54
CA GLU D 156 -4.53 -19.21 -43.79
C GLU D 156 -3.15 -18.64 -44.15
N GLY D 157 -2.80 -17.47 -43.61
CA GLY D 157 -1.55 -16.77 -43.95
C GLY D 157 -1.26 -15.62 -43.01
N LEU D 158 0.02 -15.42 -42.70
CA LEU D 158 0.50 -14.31 -41.86
C LEU D 158 1.71 -13.64 -42.53
N VAL D 159 1.57 -12.35 -42.86
CA VAL D 159 2.72 -11.43 -43.07
C VAL D 159 3.01 -10.78 -41.71
N LEU D 160 4.11 -11.20 -41.06
CA LEU D 160 4.52 -10.77 -39.70
C LEU D 160 5.68 -9.77 -39.80
N ILE D 161 5.38 -8.47 -39.77
CA ILE D 161 6.40 -7.38 -39.91
C ILE D 161 6.97 -7.03 -38.52
N ASN D 162 8.29 -7.06 -38.41
CA ASN D 162 9.06 -6.63 -37.20
C ASN D 162 8.55 -7.41 -35.98
N VAL D 163 8.35 -8.72 -36.11
CA VAL D 163 7.78 -9.58 -35.03
C VAL D 163 8.89 -9.98 -34.04
N ASP D 164 8.55 -9.99 -32.74
CA ASP D 164 9.43 -10.49 -31.66
C ASP D 164 8.66 -11.54 -30.87
N PRO D 165 9.06 -12.84 -30.98
CA PRO D 165 8.38 -13.91 -30.25
C PRO D 165 8.78 -14.01 -28.77
N CYS D 166 9.97 -13.50 -28.42
CA CYS D 166 10.52 -13.53 -27.03
C CYS D 166 9.98 -12.35 -26.21
N ALA D 167 9.80 -12.55 -24.90
CA ALA D 167 9.46 -11.50 -23.92
C ALA D 167 10.67 -10.60 -23.68
N LYS D 168 10.45 -9.36 -23.26
CA LYS D 168 11.49 -8.31 -23.05
C LYS D 168 12.63 -8.85 -22.18
N GLY D 169 12.30 -9.42 -21.02
CA GLY D 169 13.27 -9.93 -20.02
C GLY D 169 13.56 -8.87 -18.96
N THR D 183 11.94 8.19 -19.24
CA THR D 183 10.50 8.25 -18.82
C THR D 183 9.60 8.21 -20.07
N ASN D 184 9.87 9.12 -21.02
CA ASN D 184 8.89 9.58 -22.03
C ASN D 184 8.37 8.40 -22.86
N VAL D 185 7.05 8.23 -22.92
CA VAL D 185 6.37 7.10 -23.63
C VAL D 185 6.66 7.23 -25.13
N VAL D 186 6.37 8.38 -25.73
CA VAL D 186 6.52 8.63 -27.19
C VAL D 186 7.94 8.26 -27.64
N ASP D 187 8.96 8.61 -26.83
CA ASP D 187 10.40 8.41 -27.16
C ASP D 187 10.77 6.93 -27.02
N ILE D 188 10.13 6.22 -26.10
CA ILE D 188 10.25 4.74 -25.94
C ILE D 188 9.75 4.07 -27.23
N ILE D 189 8.52 4.39 -27.65
CA ILE D 189 7.83 3.77 -28.81
C ILE D 189 8.59 4.11 -30.10
N LEU D 190 9.02 5.36 -30.28
CA LEU D 190 9.89 5.80 -31.41
C LEU D 190 11.14 4.93 -31.47
N ALA D 191 11.70 4.56 -30.31
CA ALA D 191 12.91 3.72 -30.18
C ALA D 191 12.58 2.30 -30.64
N HIS D 192 11.42 1.78 -30.21
CA HIS D 192 10.89 0.45 -30.59
C HIS D 192 10.79 0.32 -32.11
N HIS D 193 10.34 1.38 -32.79
CA HIS D 193 10.09 1.41 -34.26
C HIS D 193 11.41 1.56 -35.03
N PHE D 194 12.13 2.65 -34.79
CA PHE D 194 13.21 3.15 -35.69
C PHE D 194 14.59 2.79 -35.13
N GLY D 195 15.50 2.38 -36.03
CA GLY D 195 16.93 2.15 -35.75
C GLY D 195 17.56 3.35 -35.06
N GLN D 196 18.69 3.16 -34.38
CA GLN D 196 19.37 4.24 -33.60
C GLN D 196 19.76 5.39 -34.54
N GLU D 197 20.54 5.11 -35.58
CA GLU D 197 21.02 6.11 -36.59
C GLU D 197 19.81 6.74 -37.30
N GLU D 198 18.88 5.91 -37.76
CA GLU D 198 17.59 6.34 -38.35
C GLU D 198 17.00 7.44 -37.46
N LEU D 199 16.89 7.18 -36.16
CA LEU D 199 16.17 8.00 -35.15
C LEU D 199 16.94 9.30 -34.85
N GLN D 200 18.28 9.23 -34.83
CA GLN D 200 19.18 10.40 -34.54
C GLN D 200 19.12 11.40 -35.71
N ALA D 201 19.06 10.89 -36.94
CA ALA D 201 18.91 11.67 -38.20
C ALA D 201 17.63 12.53 -38.12
N ASN D 202 16.57 12.00 -37.50
CA ASN D 202 15.29 12.71 -37.20
C ASN D 202 14.79 13.42 -38.48
N LEU D 203 14.61 12.67 -39.56
CA LEU D 203 14.13 13.18 -40.88
C LEU D 203 12.59 13.29 -40.85
N ASP D 204 11.97 13.55 -42.00
CA ASP D 204 10.49 13.69 -42.15
C ASP D 204 9.79 12.49 -41.50
N LEU D 205 10.17 11.27 -41.88
CA LEU D 205 9.54 10.01 -41.37
C LEU D 205 9.41 10.09 -39.85
N ILE D 206 10.51 10.39 -39.16
CA ILE D 206 10.61 10.31 -37.67
C ILE D 206 9.75 11.40 -37.05
N GLN D 207 9.90 12.65 -37.52
CA GLN D 207 9.13 13.83 -37.04
C GLN D 207 7.64 13.61 -37.30
N THR D 208 7.29 12.96 -38.42
CA THR D 208 5.91 12.63 -38.83
C THR D 208 5.30 11.59 -37.89
N TYR D 209 6.12 10.67 -37.37
CA TYR D 209 5.68 9.50 -36.56
C TYR D 209 5.85 9.78 -35.07
N ARG D 210 6.62 10.80 -34.68
CA ARG D 210 6.56 11.38 -33.32
C ARG D 210 5.18 12.01 -33.13
N MET D 211 4.80 12.90 -34.05
CA MET D 211 3.48 13.59 -34.07
C MET D 211 2.35 12.55 -34.10
N HIS D 212 2.46 11.53 -34.98
CA HIS D 212 1.45 10.44 -35.13
C HIS D 212 1.25 9.77 -33.78
N ILE D 213 2.33 9.30 -33.15
CA ILE D 213 2.30 8.63 -31.81
C ILE D 213 1.61 9.56 -30.80
N ALA D 214 1.98 10.85 -30.81
CA ALA D 214 1.77 11.81 -29.70
C ALA D 214 0.35 12.41 -29.71
N GLN D 215 -0.25 12.59 -30.89
CA GLN D 215 -1.50 13.38 -31.05
C GLN D 215 -2.66 12.54 -31.58
N ASP D 216 -2.39 11.41 -32.24
CA ASP D 216 -3.45 10.57 -32.86
C ASP D 216 -4.02 9.61 -31.83
N ILE D 217 -3.21 9.22 -30.83
CA ILE D 217 -3.56 8.15 -29.84
C ILE D 217 -3.61 8.77 -28.44
N ASN D 218 -4.71 8.54 -27.73
CA ASN D 218 -4.88 9.04 -26.33
C ASN D 218 -3.76 8.45 -25.46
N GLN D 219 -2.88 9.32 -24.96
CA GLN D 219 -1.65 8.95 -24.21
C GLN D 219 -2.00 7.97 -23.08
N ASP D 220 -3.11 8.20 -22.38
CA ASP D 220 -3.54 7.39 -21.21
C ASP D 220 -3.70 5.93 -21.66
N ASN D 221 -4.42 5.73 -22.77
CA ASN D 221 -4.67 4.39 -23.34
C ASN D 221 -3.34 3.82 -23.84
N LEU D 222 -2.56 4.62 -24.58
CA LEU D 222 -1.30 4.16 -25.24
C LEU D 222 -0.29 3.65 -24.21
N GLN D 223 -0.32 4.15 -22.97
CA GLN D 223 0.58 3.66 -21.89
C GLN D 223 0.21 2.20 -21.55
N LEU D 224 -1.10 1.92 -21.50
CA LEU D 224 -1.65 0.58 -21.14
C LEU D 224 -1.33 -0.45 -22.23
N PHE D 225 -1.46 -0.05 -23.50
CA PHE D 225 -1.16 -0.92 -24.66
C PHE D 225 0.34 -1.20 -24.70
N LEU D 226 1.18 -0.19 -24.45
CA LEU D 226 2.65 -0.34 -24.36
C LEU D 226 3.01 -1.28 -23.21
N ASN D 227 2.28 -1.18 -22.09
CA ASN D 227 2.46 -2.06 -20.91
C ASN D 227 2.17 -3.51 -21.31
N SER D 228 1.06 -3.73 -22.00
CA SER D 228 0.59 -5.08 -22.45
C SER D 228 1.70 -5.72 -23.31
N TYR D 229 2.16 -5.01 -24.35
CA TYR D 229 3.19 -5.49 -25.30
C TYR D 229 4.50 -5.78 -24.58
N ASN D 230 4.92 -4.94 -23.63
CA ASN D 230 6.15 -5.19 -22.83
C ASN D 230 5.94 -6.47 -22.03
N GLY D 231 4.72 -6.71 -21.52
CA GLY D 231 4.37 -7.85 -20.66
C GLY D 231 4.22 -9.17 -21.41
N ARG D 232 4.18 -9.12 -22.75
CA ARG D 232 4.03 -10.32 -23.63
C ARG D 232 4.96 -11.44 -23.17
N ARG D 233 4.46 -12.68 -23.17
CA ARG D 233 5.24 -13.89 -22.81
C ARG D 233 5.81 -14.53 -24.08
N ASP D 234 6.84 -15.36 -23.92
CA ASP D 234 7.47 -16.10 -25.04
C ASP D 234 6.34 -16.83 -25.79
N LEU D 235 6.33 -16.77 -27.13
CA LEU D 235 5.31 -17.49 -27.95
C LEU D 235 5.43 -18.99 -27.73
N GLU D 236 6.66 -19.46 -27.46
CA GLU D 236 6.99 -20.89 -27.24
C GLU D 236 6.72 -21.66 -28.54
N ILE D 237 7.16 -21.11 -29.66
CA ILE D 237 7.11 -21.75 -31.00
C ILE D 237 8.50 -22.36 -31.23
N GLU D 238 8.56 -23.63 -31.61
CA GLU D 238 9.84 -24.32 -31.88
C GLU D 238 9.79 -24.95 -33.27
N ARG D 239 10.88 -24.88 -34.03
CA ARG D 239 11.03 -25.54 -35.34
C ARG D 239 10.87 -27.05 -35.16
N PRO D 240 10.03 -27.73 -35.99
CA PRO D 240 9.95 -29.19 -35.94
C PRO D 240 11.20 -29.85 -36.53
N ILE D 241 11.58 -31.00 -35.96
CA ILE D 241 12.55 -31.96 -36.57
C ILE D 241 11.73 -32.90 -37.45
N LEU D 242 12.23 -33.24 -38.65
CA LEU D 242 11.48 -34.03 -39.67
C LEU D 242 11.23 -35.45 -39.16
N GLY D 243 12.25 -36.08 -38.58
CA GLY D 243 12.19 -37.47 -38.08
C GLY D 243 11.27 -37.61 -36.87
N GLN D 244 11.44 -36.74 -35.87
CA GLN D 244 10.76 -36.85 -34.55
C GLN D 244 9.30 -36.44 -34.70
N ASN D 245 8.39 -37.30 -34.21
CA ASN D 245 6.91 -37.16 -34.34
C ASN D 245 6.31 -36.69 -33.01
N ASP D 246 7.13 -36.09 -32.14
CA ASP D 246 6.72 -35.53 -30.83
C ASP D 246 5.97 -34.21 -31.07
N ASN D 247 4.74 -34.12 -30.55
CA ASN D 247 3.86 -32.91 -30.63
C ASN D 247 4.01 -32.08 -29.35
N LYS D 248 5.04 -32.35 -28.56
CA LYS D 248 5.43 -31.54 -27.37
C LYS D 248 5.70 -30.10 -27.82
N SER D 249 6.46 -29.94 -28.92
CA SER D 249 6.82 -28.63 -29.53
C SER D 249 5.65 -28.18 -30.43
N LYS D 250 5.36 -26.88 -30.44
CA LYS D 250 4.25 -26.29 -31.24
C LYS D 250 4.83 -25.29 -32.24
N THR D 251 4.12 -25.04 -33.35
CA THR D 251 4.47 -24.02 -34.38
C THR D 251 3.20 -23.57 -35.12
N LEU D 252 3.30 -22.45 -35.83
CA LEU D 252 2.30 -21.95 -36.81
C LEU D 252 2.12 -22.98 -37.92
N LYS D 253 0.87 -23.37 -38.19
CA LYS D 253 0.50 -24.38 -39.20
C LYS D 253 0.37 -23.72 -40.58
N CYS D 254 0.22 -22.40 -40.63
CA CYS D 254 -0.10 -21.63 -41.86
C CYS D 254 1.18 -21.22 -42.60
N SER D 255 1.02 -20.71 -43.83
CA SER D 255 2.07 -20.02 -44.61
C SER D 255 2.39 -18.67 -43.93
N THR D 256 3.68 -18.33 -43.85
CA THR D 256 4.19 -17.15 -43.11
C THR D 256 5.23 -16.40 -43.95
N LEU D 257 5.13 -15.07 -43.99
CA LEU D 257 6.16 -14.15 -44.53
C LEU D 257 6.65 -13.24 -43.40
N LEU D 258 7.82 -13.54 -42.84
CA LEU D 258 8.51 -12.68 -41.84
C LEU D 258 9.21 -11.54 -42.60
N VAL D 259 8.92 -10.30 -42.22
CA VAL D 259 9.41 -9.06 -42.90
C VAL D 259 10.13 -8.16 -41.87
N VAL D 260 11.36 -7.77 -42.16
CA VAL D 260 12.16 -6.82 -41.34
C VAL D 260 13.11 -6.02 -42.23
N GLY D 261 13.28 -4.71 -41.96
CA GLY D 261 14.30 -3.87 -42.61
C GLY D 261 15.70 -4.28 -42.18
N ASP D 262 16.73 -4.00 -42.98
CA ASP D 262 18.16 -4.27 -42.64
C ASP D 262 18.52 -3.59 -41.32
N ASN D 263 17.93 -2.42 -41.08
CA ASN D 263 18.31 -1.47 -39.99
C ASN D 263 17.24 -1.43 -38.89
N SER D 264 16.17 -2.20 -38.99
CA SER D 264 15.17 -2.31 -37.89
C SER D 264 15.91 -2.82 -36.66
N PRO D 265 15.61 -2.28 -35.45
CA PRO D 265 16.09 -2.91 -34.23
C PRO D 265 15.57 -4.34 -34.08
N ALA D 266 14.49 -4.66 -34.81
CA ALA D 266 13.79 -5.97 -34.78
C ALA D 266 14.64 -7.10 -35.36
N VAL D 267 15.62 -6.80 -36.21
CA VAL D 267 16.26 -7.81 -37.12
C VAL D 267 16.57 -9.08 -36.32
N GLU D 268 17.43 -8.99 -35.31
CA GLU D 268 17.84 -10.17 -34.48
C GLU D 268 16.60 -10.97 -34.02
N ALA D 269 15.51 -10.28 -33.64
CA ALA D 269 14.27 -10.88 -33.10
C ALA D 269 13.42 -11.49 -34.23
N VAL D 270 13.49 -10.94 -35.45
CA VAL D 270 12.74 -11.50 -36.62
C VAL D 270 13.49 -12.72 -37.14
N VAL D 271 14.83 -12.69 -37.11
CA VAL D 271 15.71 -13.84 -37.50
C VAL D 271 15.52 -14.98 -36.50
N GLU D 272 15.48 -14.65 -35.19
CA GLU D 272 15.11 -15.60 -34.12
C GLU D 272 13.80 -16.30 -34.52
N CYS D 273 12.72 -15.52 -34.69
CA CYS D 273 11.36 -16.01 -35.02
C CYS D 273 11.44 -17.01 -36.19
N ASN D 274 12.14 -16.64 -37.25
CA ASN D 274 12.35 -17.49 -38.46
C ASN D 274 12.94 -18.84 -38.04
N SER D 275 14.01 -18.83 -37.25
CA SER D 275 14.74 -20.04 -36.80
C SER D 275 13.83 -20.99 -36.01
N ARG D 276 12.66 -20.53 -35.55
CA ARG D 276 11.75 -21.32 -34.67
C ARG D 276 10.45 -21.73 -35.38
N LEU D 277 10.24 -21.28 -36.63
CA LEU D 277 9.06 -21.69 -37.46
C LEU D 277 9.46 -22.81 -38.43
N ASN D 278 8.50 -23.29 -39.24
CA ASN D 278 8.68 -24.45 -40.16
C ASN D 278 9.17 -23.96 -41.52
N PRO D 279 10.45 -24.20 -41.91
CA PRO D 279 11.01 -23.62 -43.12
C PRO D 279 10.24 -23.94 -44.41
N ILE D 280 9.43 -25.01 -44.40
CA ILE D 280 8.58 -25.44 -45.55
C ILE D 280 7.41 -24.46 -45.71
N ASN D 281 6.98 -23.81 -44.62
CA ASN D 281 5.81 -22.90 -44.58
C ASN D 281 6.21 -21.47 -44.18
N THR D 282 7.51 -21.13 -44.26
CA THR D 282 8.05 -19.83 -43.76
C THR D 282 9.10 -19.29 -44.74
N THR D 283 9.09 -17.98 -44.94
CA THR D 283 10.10 -17.20 -45.71
C THR D 283 10.48 -15.91 -44.97
N LEU D 284 11.76 -15.73 -44.67
CA LEU D 284 12.30 -14.46 -44.11
C LEU D 284 12.55 -13.49 -45.26
N LEU D 285 12.14 -12.23 -45.10
CA LEU D 285 12.39 -11.13 -46.08
C LEU D 285 13.06 -9.95 -45.36
N LYS D 286 14.37 -9.81 -45.52
CA LYS D 286 15.15 -8.66 -44.99
C LYS D 286 15.30 -7.61 -46.09
N MET D 287 14.55 -6.52 -46.00
CA MET D 287 14.51 -5.46 -47.05
C MET D 287 15.69 -4.50 -46.85
N ALA D 288 16.67 -4.55 -47.76
CA ALA D 288 17.91 -3.75 -47.71
C ALA D 288 17.58 -2.25 -47.79
N ASP D 289 18.50 -1.40 -47.32
CA ASP D 289 18.40 0.09 -47.34
C ASP D 289 17.09 0.52 -46.66
N CYS D 290 16.74 -0.15 -45.56
CA CYS D 290 15.47 0.07 -44.82
C CYS D 290 15.74 0.05 -43.31
N GLY D 291 14.80 0.61 -42.54
CA GLY D 291 14.76 0.57 -41.07
C GLY D 291 13.38 0.22 -40.56
N GLY D 292 12.83 1.03 -39.65
CA GLY D 292 11.46 0.87 -39.11
C GLY D 292 10.41 1.09 -40.20
N LEU D 293 9.19 0.58 -39.97
CA LEU D 293 8.02 0.79 -40.86
C LEU D 293 8.43 0.55 -42.32
N PRO D 294 8.89 -0.68 -42.68
CA PRO D 294 9.29 -0.96 -44.05
C PRO D 294 8.12 -0.91 -45.04
N GLN D 295 6.90 -1.18 -44.57
CA GLN D 295 5.67 -1.20 -45.41
C GLN D 295 5.29 0.21 -45.82
N VAL D 296 5.98 1.22 -45.28
CA VAL D 296 5.75 2.68 -45.55
C VAL D 296 6.94 3.27 -46.29
N VAL D 297 8.16 2.95 -45.87
CA VAL D 297 9.44 3.43 -46.50
C VAL D 297 9.58 2.81 -47.90
N GLN D 298 9.28 1.52 -48.03
CA GLN D 298 9.34 0.76 -49.32
C GLN D 298 8.05 -0.02 -49.53
N PRO D 299 6.88 0.65 -49.75
CA PRO D 299 5.63 -0.07 -50.01
C PRO D 299 5.69 -0.82 -51.34
N GLY D 300 6.33 -0.23 -52.35
CA GLY D 300 6.50 -0.85 -53.68
C GLY D 300 6.97 -2.29 -53.57
N LYS D 301 8.14 -2.51 -52.97
CA LYS D 301 8.81 -3.84 -52.86
C LYS D 301 7.94 -4.82 -52.07
N LEU D 302 7.36 -4.37 -50.95
CA LEU D 302 6.53 -5.20 -50.04
C LEU D 302 5.28 -5.68 -50.79
N THR D 303 4.62 -4.78 -51.54
CA THR D 303 3.38 -5.08 -52.31
C THR D 303 3.65 -6.26 -53.26
N GLU D 304 4.89 -6.40 -53.74
CA GLU D 304 5.32 -7.44 -54.72
C GLU D 304 5.58 -8.75 -53.97
N ALA D 305 6.24 -8.67 -52.81
CA ALA D 305 6.49 -9.81 -51.89
C ALA D 305 5.15 -10.39 -51.42
N PHE D 306 4.20 -9.52 -51.05
CA PHE D 306 2.84 -9.92 -50.59
C PHE D 306 2.09 -10.60 -51.74
N LYS D 307 2.30 -10.12 -52.97
CA LYS D 307 1.66 -10.66 -54.20
C LYS D 307 2.16 -12.09 -54.42
N TYR D 308 3.48 -12.28 -54.44
CA TYR D 308 4.14 -13.61 -54.51
C TYR D 308 3.57 -14.52 -53.42
N PHE D 309 3.67 -14.09 -52.16
CA PHE D 309 3.15 -14.81 -50.96
C PHE D 309 1.70 -15.26 -51.18
N LEU D 310 0.86 -14.41 -51.77
CA LEU D 310 -0.58 -14.71 -52.01
C LEU D 310 -0.68 -15.71 -53.16
N GLN D 311 0.17 -15.57 -54.20
CA GLN D 311 0.26 -16.57 -55.31
C GLN D 311 0.62 -17.94 -54.75
N GLY D 312 1.64 -18.00 -53.88
CA GLY D 312 2.11 -19.22 -53.21
C GLY D 312 0.98 -20.06 -52.61
N MET D 313 -0.12 -19.44 -52.18
CA MET D 313 -1.32 -20.13 -51.64
C MET D 313 -2.38 -20.25 -52.74
N GLY D 314 -2.00 -19.99 -53.99
CA GLY D 314 -2.89 -20.06 -55.17
C GLY D 314 -3.89 -18.92 -55.22
N TYR D 315 -3.55 -17.80 -54.59
CA TYR D 315 -4.45 -16.61 -54.57
C TYR D 315 -3.79 -15.46 -55.34
N ILE D 316 -4.55 -14.39 -55.58
CA ILE D 316 -4.04 -13.19 -56.32
C ILE D 316 -3.45 -13.63 -57.66
N PRO D 317 -4.15 -14.46 -58.47
CA PRO D 317 -3.62 -14.93 -59.75
C PRO D 317 -3.65 -13.82 -60.81
#